data_2EMW
#
_entry.id   2EMW
#
loop_
_entity.id
_entity.type
_entity.pdbx_description
1 polymer 'Zinc finger protein 268'
2 non-polymer 'ZINC ION'
#
_entity_poly.entity_id   1
_entity_poly.type   'polypeptide(L)'
_entity_poly.pdbx_seq_one_letter_code
;GSSGSSGEKPYGCNECGKDFSSKSYLIVHQRIHTGEKLSGPSSG
;
_entity_poly.pdbx_strand_id   A
#
loop_
_chem_comp.id
_chem_comp.type
_chem_comp.name
_chem_comp.formula
ZN non-polymer 'ZINC ION' 'Zn 2'
#
# COMPACT_ATOMS: atom_id res chain seq x y z
N GLY A 1 -25.65 6.00 20.32
CA GLY A 1 -24.95 5.16 21.29
C GLY A 1 -23.88 4.30 20.64
N SER A 2 -22.62 4.61 20.93
CA SER A 2 -21.51 3.86 20.37
C SER A 2 -20.25 4.01 21.24
N SER A 3 -19.63 2.88 21.55
CA SER A 3 -18.42 2.89 22.39
C SER A 3 -17.45 3.98 21.92
N GLY A 4 -17.07 3.92 20.65
CA GLY A 4 -16.15 4.90 20.10
C GLY A 4 -15.91 4.70 18.62
N SER A 5 -14.88 5.36 18.09
CA SER A 5 -14.55 5.27 16.68
C SER A 5 -14.59 3.82 16.21
N SER A 6 -15.21 3.60 15.04
CA SER A 6 -15.32 2.26 14.49
C SER A 6 -14.59 2.17 13.14
N GLY A 7 -13.42 2.80 13.06
CA GLY A 7 -12.65 2.78 11.83
C GLY A 7 -12.41 1.38 11.32
N GLU A 8 -12.44 1.22 10.00
CA GLU A 8 -12.22 -0.09 9.40
C GLU A 8 -11.54 0.05 8.03
N LYS A 9 -10.42 -0.64 7.87
CA LYS A 9 -9.67 -0.59 6.62
C LYS A 9 -9.54 0.85 6.11
N PRO A 10 -9.07 1.74 6.98
CA PRO A 10 -8.89 3.16 6.65
C PRO A 10 -7.75 3.38 5.65
N TYR A 11 -6.88 2.38 5.53
CA TYR A 11 -5.76 2.47 4.60
C TYR A 11 -6.04 1.70 3.32
N GLY A 12 -5.41 2.13 2.23
CA GLY A 12 -5.61 1.47 0.95
C GLY A 12 -4.48 1.73 -0.02
N CYS A 13 -4.43 0.96 -1.10
CA CYS A 13 -3.39 1.12 -2.11
C CYS A 13 -3.98 1.62 -3.42
N ASN A 14 -3.53 2.80 -3.85
CA ASN A 14 -4.00 3.40 -5.09
C ASN A 14 -3.27 2.81 -6.30
N GLU A 15 -2.00 2.49 -6.11
CA GLU A 15 -1.18 1.92 -7.18
C GLU A 15 -1.95 0.83 -7.91
N CYS A 16 -2.46 -0.13 -7.16
CA CYS A 16 -3.22 -1.24 -7.74
C CYS A 16 -4.70 -1.14 -7.39
N GLY A 17 -4.98 -0.82 -6.12
CA GLY A 17 -6.35 -0.70 -5.67
C GLY A 17 -6.72 -1.73 -4.62
N LYS A 18 -5.79 -1.97 -3.69
CA LYS A 18 -6.02 -2.94 -2.63
C LYS A 18 -6.45 -2.24 -1.34
N ASP A 19 -6.91 -3.02 -0.37
CA ASP A 19 -7.36 -2.48 0.91
C ASP A 19 -6.86 -3.34 2.07
N PHE A 20 -6.22 -2.69 3.04
CA PHE A 20 -5.69 -3.39 4.21
C PHE A 20 -6.27 -2.82 5.50
N SER A 21 -6.37 -3.66 6.52
CA SER A 21 -6.91 -3.25 7.81
C SER A 21 -5.79 -2.78 8.74
N SER A 22 -4.69 -2.34 8.15
CA SER A 22 -3.55 -1.87 8.93
C SER A 22 -2.54 -1.15 8.03
N LYS A 23 -1.87 -0.15 8.59
CA LYS A 23 -0.88 0.60 7.84
C LYS A 23 0.30 -0.26 7.46
N SER A 24 0.61 -1.24 8.31
CA SER A 24 1.72 -2.16 8.06
C SER A 24 1.47 -3.01 6.83
N TYR A 25 0.41 -3.81 6.89
CA TYR A 25 0.05 -4.69 5.78
C TYR A 25 0.17 -3.95 4.44
N LEU A 26 -0.21 -2.68 4.45
CA LEU A 26 -0.15 -1.86 3.24
C LEU A 26 1.30 -1.55 2.87
N ILE A 27 1.99 -0.84 3.75
CA ILE A 27 3.39 -0.49 3.51
C ILE A 27 4.17 -1.66 2.96
N VAL A 28 3.93 -2.84 3.52
CA VAL A 28 4.61 -4.06 3.09
C VAL A 28 4.22 -4.42 1.66
N HIS A 29 2.96 -4.22 1.32
CA HIS A 29 2.45 -4.54 -0.01
C HIS A 29 3.01 -3.55 -1.04
N GLN A 30 2.76 -2.26 -0.81
CA GLN A 30 3.22 -1.21 -1.71
C GLN A 30 4.62 -1.54 -2.23
N ARG A 31 5.37 -2.31 -1.46
CA ARG A 31 6.73 -2.68 -1.84
C ARG A 31 6.73 -3.41 -3.19
N ILE A 32 5.82 -4.37 -3.34
CA ILE A 32 5.72 -5.14 -4.57
C ILE A 32 5.77 -4.23 -5.79
N HIS A 33 5.45 -2.95 -5.59
CA HIS A 33 5.46 -1.99 -6.67
C HIS A 33 6.85 -1.38 -6.85
N THR A 34 7.25 -0.52 -5.91
CA THR A 34 8.55 0.12 -5.96
C THR A 34 9.64 -0.87 -6.33
N GLY A 35 10.83 -0.37 -6.64
CA GLY A 35 11.94 -1.23 -7.01
C GLY A 35 12.03 -1.45 -8.51
N GLU A 36 11.59 -0.47 -9.28
CA GLU A 36 11.61 -0.56 -10.73
C GLU A 36 12.56 0.47 -11.34
N LYS A 37 13.85 0.18 -11.30
CA LYS A 37 14.85 1.09 -11.84
C LYS A 37 14.65 1.29 -13.34
N LEU A 38 15.21 2.37 -13.86
CA LEU A 38 15.10 2.68 -15.29
C LEU A 38 16.09 1.87 -16.11
N SER A 39 17.32 1.76 -15.62
CA SER A 39 18.36 1.01 -16.30
C SER A 39 17.84 -0.36 -16.74
N GLY A 40 17.64 -0.52 -18.05
CA GLY A 40 17.14 -1.77 -18.58
C GLY A 40 17.40 -1.90 -20.06
N PRO A 41 17.24 -3.13 -20.59
CA PRO A 41 17.45 -3.43 -22.01
C PRO A 41 16.38 -2.80 -22.90
N SER A 42 15.27 -2.40 -22.29
CA SER A 42 14.17 -1.79 -23.03
C SER A 42 14.06 -0.31 -22.70
N SER A 43 15.21 0.37 -22.64
CA SER A 43 15.25 1.80 -22.33
C SER A 43 14.06 2.51 -22.97
N GLY A 44 13.94 2.38 -24.28
CA GLY A 44 12.85 3.02 -25.00
C GLY A 44 11.73 2.06 -25.34
ZN ZN B . -0.85 -2.03 -4.60
N GLY A 1 -21.30 13.39 4.21
CA GLY A 1 -20.51 14.60 4.38
C GLY A 1 -19.25 14.37 5.17
N SER A 2 -18.27 13.70 4.54
CA SER A 2 -17.01 13.41 5.19
C SER A 2 -17.21 13.13 6.68
N SER A 3 -18.25 12.36 6.99
CA SER A 3 -18.55 12.02 8.37
C SER A 3 -18.67 10.51 8.55
N GLY A 4 -17.77 9.77 7.93
CA GLY A 4 -17.79 8.32 8.03
C GLY A 4 -17.04 7.81 9.23
N SER A 5 -16.97 6.49 9.37
CA SER A 5 -16.27 5.87 10.50
C SER A 5 -14.76 5.92 10.30
N SER A 6 -14.03 6.02 11.40
CA SER A 6 -12.57 6.07 11.35
C SER A 6 -11.96 4.72 11.70
N GLY A 7 -12.57 3.65 11.20
CA GLY A 7 -12.08 2.32 11.48
C GLY A 7 -12.64 1.28 10.51
N GLU A 8 -12.78 1.66 9.25
CA GLU A 8 -13.31 0.77 8.24
C GLU A 8 -12.47 0.83 6.96
N LYS A 9 -11.35 0.11 6.97
CA LYS A 9 -10.47 0.09 5.81
C LYS A 9 -9.95 1.48 5.49
N PRO A 10 -9.36 2.15 6.49
CA PRO A 10 -8.82 3.50 6.33
C PRO A 10 -7.58 3.53 5.45
N TYR A 11 -6.87 2.41 5.40
CA TYR A 11 -5.66 2.30 4.59
C TYR A 11 -5.93 1.57 3.28
N GLY A 12 -5.44 2.13 2.18
CA GLY A 12 -5.65 1.52 0.89
C GLY A 12 -4.54 1.86 -0.10
N CYS A 13 -4.48 1.12 -1.20
CA CYS A 13 -3.46 1.35 -2.21
C CYS A 13 -4.08 1.89 -3.50
N ASN A 14 -3.37 2.81 -4.15
CA ASN A 14 -3.85 3.42 -5.39
C ASN A 14 -3.16 2.80 -6.60
N GLU A 15 -1.92 2.34 -6.40
CA GLU A 15 -1.15 1.73 -7.48
C GLU A 15 -1.93 0.59 -8.13
N CYS A 16 -2.39 -0.34 -7.31
CA CYS A 16 -3.15 -1.49 -7.81
C CYS A 16 -4.63 -1.34 -7.48
N GLY A 17 -4.92 -0.94 -6.24
CA GLY A 17 -6.30 -0.76 -5.81
C GLY A 17 -6.71 -1.76 -4.76
N LYS A 18 -5.78 -2.11 -3.88
CA LYS A 18 -6.04 -3.07 -2.81
C LYS A 18 -6.35 -2.34 -1.50
N ASP A 19 -6.97 -3.04 -0.56
CA ASP A 19 -7.31 -2.47 0.73
C ASP A 19 -6.65 -3.25 1.86
N PHE A 20 -6.22 -2.54 2.90
CA PHE A 20 -5.58 -3.16 4.04
C PHE A 20 -6.08 -2.55 5.35
N SER A 21 -6.54 -3.42 6.25
CA SER A 21 -7.07 -2.97 7.53
C SER A 21 -5.96 -2.33 8.37
N SER A 22 -4.76 -2.89 8.28
CA SER A 22 -3.61 -2.37 9.03
C SER A 22 -2.75 -1.46 8.16
N LYS A 23 -2.04 -0.55 8.79
CA LYS A 23 -1.17 0.39 8.09
C LYS A 23 0.14 -0.28 7.69
N SER A 24 0.54 -1.29 8.45
CA SER A 24 1.78 -2.02 8.17
C SER A 24 1.60 -2.95 6.98
N TYR A 25 0.53 -3.72 6.99
CA TYR A 25 0.24 -4.66 5.92
C TYR A 25 0.30 -3.96 4.55
N LEU A 26 -0.11 -2.70 4.53
CA LEU A 26 -0.11 -1.92 3.30
C LEU A 26 1.31 -1.53 2.90
N ILE A 27 2.02 -0.88 3.81
CA ILE A 27 3.39 -0.45 3.55
C ILE A 27 4.23 -1.61 3.02
N VAL A 28 3.96 -2.81 3.51
CA VAL A 28 4.68 -4.00 3.09
C VAL A 28 4.29 -4.40 1.68
N HIS A 29 3.01 -4.24 1.35
CA HIS A 29 2.50 -4.59 0.03
C HIS A 29 2.99 -3.59 -1.02
N GLN A 30 2.72 -2.32 -0.79
CA GLN A 30 3.13 -1.27 -1.73
C GLN A 30 4.53 -1.54 -2.26
N ARG A 31 5.33 -2.29 -1.50
CA ARG A 31 6.68 -2.63 -1.90
C ARG A 31 6.69 -3.37 -3.23
N ILE A 32 5.79 -4.35 -3.35
CA ILE A 32 5.71 -5.15 -4.57
C ILE A 32 5.73 -4.26 -5.81
N HIS A 33 5.29 -3.01 -5.65
CA HIS A 33 5.27 -2.06 -6.76
C HIS A 33 6.65 -1.44 -6.96
N THR A 34 7.10 -0.68 -5.97
CA THR A 34 8.41 -0.02 -6.04
C THR A 34 9.53 -1.05 -6.20
N GLY A 35 10.76 -0.56 -6.35
CA GLY A 35 11.90 -1.43 -6.51
C GLY A 35 12.12 -1.83 -7.96
N GLU A 36 11.75 -0.94 -8.88
CA GLU A 36 11.92 -1.21 -10.30
C GLU A 36 13.09 -0.42 -10.86
N LYS A 37 14.30 -0.89 -10.61
CA LYS A 37 15.51 -0.24 -11.09
C LYS A 37 15.61 -0.34 -12.60
N LEU A 38 15.55 -1.56 -13.11
CA LEU A 38 15.63 -1.79 -14.55
C LEU A 38 14.40 -2.52 -15.06
N SER A 39 14.19 -3.74 -14.57
CA SER A 39 13.04 -4.54 -14.98
C SER A 39 12.89 -5.76 -14.07
N GLY A 40 11.64 -6.08 -13.73
CA GLY A 40 11.37 -7.22 -12.87
C GLY A 40 12.20 -7.19 -11.60
N PRO A 41 12.43 -8.37 -11.02
CA PRO A 41 13.21 -8.51 -9.78
C PRO A 41 14.69 -8.24 -10.00
N SER A 42 15.46 -8.28 -8.92
CA SER A 42 16.90 -8.03 -8.99
C SER A 42 17.51 -8.72 -10.21
N SER A 43 18.55 -8.11 -10.77
CA SER A 43 19.23 -8.66 -11.93
C SER A 43 20.67 -8.17 -12.01
N GLY A 44 21.61 -9.04 -11.68
CA GLY A 44 23.01 -8.68 -11.72
C GLY A 44 23.85 -9.47 -10.74
ZN ZN B . -0.95 -1.85 -4.56
N GLY A 1 -15.99 15.71 14.25
CA GLY A 1 -14.95 15.43 13.28
C GLY A 1 -14.71 13.94 13.11
N SER A 2 -13.46 13.58 12.86
CA SER A 2 -13.10 12.18 12.67
C SER A 2 -13.04 11.45 14.01
N SER A 3 -13.72 10.31 14.07
CA SER A 3 -13.75 9.51 15.30
C SER A 3 -12.38 8.95 15.62
N GLY A 4 -11.97 9.07 16.89
CA GLY A 4 -10.68 8.57 17.31
C GLY A 4 -10.66 7.07 17.47
N SER A 5 -10.72 6.35 16.36
CA SER A 5 -10.71 4.89 16.39
C SER A 5 -9.95 4.33 15.18
N SER A 6 -9.76 3.02 15.18
CA SER A 6 -9.05 2.35 14.08
C SER A 6 -9.75 2.61 12.75
N GLY A 7 -11.08 2.65 12.79
CA GLY A 7 -11.84 2.89 11.57
C GLY A 7 -12.15 1.61 10.81
N GLU A 8 -12.54 1.75 9.55
CA GLU A 8 -12.87 0.59 8.73
C GLU A 8 -12.07 0.62 7.43
N LYS A 9 -10.88 0.03 7.47
CA LYS A 9 -10.01 -0.01 6.30
C LYS A 9 -9.65 1.39 5.82
N PRO A 10 -9.09 2.20 6.74
CA PRO A 10 -8.69 3.57 6.44
C PRO A 10 -7.48 3.63 5.51
N TYR A 11 -6.87 2.48 5.26
CA TYR A 11 -5.71 2.40 4.39
C TYR A 11 -6.04 1.67 3.09
N GLY A 12 -5.30 2.00 2.04
CA GLY A 12 -5.54 1.37 0.76
C GLY A 12 -4.36 1.52 -0.20
N CYS A 13 -4.44 0.85 -1.34
CA CYS A 13 -3.37 0.91 -2.33
C CYS A 13 -3.90 1.41 -3.67
N ASN A 14 -3.46 2.60 -4.07
CA ASN A 14 -3.90 3.19 -5.33
C ASN A 14 -3.15 2.58 -6.50
N GLU A 15 -1.90 2.18 -6.26
CA GLU A 15 -1.07 1.58 -7.30
C GLU A 15 -1.86 0.54 -8.08
N CYS A 16 -2.54 -0.35 -7.37
CA CYS A 16 -3.33 -1.40 -7.99
C CYS A 16 -4.81 -1.25 -7.63
N GLY A 17 -5.08 -0.94 -6.37
CA GLY A 17 -6.45 -0.77 -5.93
C GLY A 17 -6.83 -1.75 -4.82
N LYS A 18 -5.89 -2.02 -3.92
CA LYS A 18 -6.12 -2.93 -2.82
C LYS A 18 -6.55 -2.16 -1.56
N ASP A 19 -6.94 -2.91 -0.53
CA ASP A 19 -7.36 -2.31 0.72
C ASP A 19 -6.94 -3.16 1.91
N PHE A 20 -6.28 -2.53 2.88
CA PHE A 20 -5.82 -3.23 4.06
C PHE A 20 -6.36 -2.57 5.34
N SER A 21 -6.49 -3.36 6.40
CA SER A 21 -7.00 -2.86 7.66
C SER A 21 -5.92 -2.10 8.43
N SER A 22 -4.72 -2.67 8.46
CA SER A 22 -3.60 -2.05 9.16
C SER A 22 -2.64 -1.40 8.17
N LYS A 23 -2.01 -0.31 8.60
CA LYS A 23 -1.06 0.41 7.75
C LYS A 23 0.14 -0.47 7.41
N SER A 24 0.63 -1.18 8.41
CA SER A 24 1.78 -2.07 8.23
C SER A 24 1.61 -2.93 6.99
N TYR A 25 0.61 -3.81 7.03
CA TYR A 25 0.34 -4.71 5.92
C TYR A 25 0.49 -3.99 4.59
N LEU A 26 -0.05 -2.78 4.51
CA LEU A 26 0.03 -1.98 3.28
C LEU A 26 1.48 -1.65 2.95
N ILE A 27 2.13 -0.90 3.83
CA ILE A 27 3.52 -0.50 3.63
C ILE A 27 4.34 -1.67 3.07
N VAL A 28 4.06 -2.87 3.57
CA VAL A 28 4.77 -4.06 3.13
C VAL A 28 4.37 -4.44 1.70
N HIS A 29 3.08 -4.32 1.41
CA HIS A 29 2.57 -4.65 0.08
C HIS A 29 3.05 -3.62 -0.95
N GLN A 30 2.78 -2.35 -0.68
CA GLN A 30 3.18 -1.29 -1.59
C GLN A 30 4.57 -1.54 -2.16
N ARG A 31 5.36 -2.32 -1.44
CA ARG A 31 6.71 -2.64 -1.88
C ARG A 31 6.70 -3.37 -3.22
N ILE A 32 5.80 -4.33 -3.36
CA ILE A 32 5.67 -5.10 -4.59
C ILE A 32 5.44 -4.18 -5.79
N HIS A 33 5.14 -2.91 -5.50
CA HIS A 33 4.90 -1.93 -6.56
C HIS A 33 6.08 -0.97 -6.68
N THR A 34 6.67 -0.62 -5.54
CA THR A 34 7.81 0.29 -5.52
C THR A 34 8.88 -0.14 -6.52
N GLY A 35 9.47 0.83 -7.20
CA GLY A 35 10.51 0.53 -8.18
C GLY A 35 11.83 1.19 -7.83
N GLU A 36 12.55 0.58 -6.89
CA GLU A 36 13.85 1.12 -6.47
C GLU A 36 14.97 0.13 -6.77
N LYS A 37 14.69 -1.15 -6.55
CA LYS A 37 15.67 -2.20 -6.80
C LYS A 37 16.39 -1.97 -8.13
N LEU A 38 17.71 -1.81 -8.06
CA LEU A 38 18.52 -1.59 -9.26
C LEU A 38 19.65 -2.61 -9.36
N SER A 39 19.75 -3.27 -10.50
CA SER A 39 20.77 -4.27 -10.73
C SER A 39 21.31 -4.19 -12.15
N GLY A 40 22.61 -4.42 -12.30
CA GLY A 40 23.23 -4.37 -13.61
C GLY A 40 24.74 -4.43 -13.54
N PRO A 41 25.38 -3.25 -13.59
CA PRO A 41 26.85 -3.15 -13.54
C PRO A 41 27.41 -3.50 -12.17
N SER A 42 26.75 -3.00 -11.12
CA SER A 42 27.19 -3.26 -9.75
C SER A 42 26.91 -4.71 -9.36
N SER A 43 27.70 -5.23 -8.42
CA SER A 43 27.55 -6.60 -7.96
C SER A 43 26.65 -6.66 -6.72
N GLY A 44 25.57 -5.89 -6.75
CA GLY A 44 24.64 -5.88 -5.62
C GLY A 44 24.21 -7.28 -5.22
ZN ZN B . -1.20 -2.55 -4.48
N GLY A 1 -17.35 9.56 -3.73
CA GLY A 1 -17.59 8.82 -2.50
C GLY A 1 -17.83 9.73 -1.31
N SER A 2 -17.52 9.23 -0.12
CA SER A 2 -17.70 10.01 1.10
C SER A 2 -16.49 9.90 2.01
N SER A 3 -16.07 11.03 2.57
CA SER A 3 -14.91 11.07 3.46
C SER A 3 -15.35 11.21 4.92
N GLY A 4 -14.65 10.50 5.80
CA GLY A 4 -14.99 10.56 7.21
C GLY A 4 -14.81 9.22 7.90
N SER A 5 -15.41 8.18 7.33
CA SER A 5 -15.34 6.84 7.90
C SER A 5 -13.90 6.51 8.30
N SER A 6 -13.71 6.20 9.58
CA SER A 6 -12.39 5.86 10.09
C SER A 6 -12.44 4.59 10.95
N GLY A 7 -11.49 3.69 10.70
CA GLY A 7 -11.45 2.45 11.45
C GLY A 7 -11.70 1.23 10.58
N GLU A 8 -12.55 1.39 9.57
CA GLU A 8 -12.87 0.30 8.66
C GLU A 8 -12.15 0.48 7.32
N LYS A 9 -11.11 -0.32 7.11
CA LYS A 9 -10.34 -0.26 5.87
C LYS A 9 -9.96 1.18 5.55
N PRO A 10 -9.35 1.87 6.52
CA PRO A 10 -8.93 3.26 6.35
C PRO A 10 -7.76 3.40 5.37
N TYR A 11 -6.91 2.38 5.32
CA TYR A 11 -5.75 2.38 4.44
C TYR A 11 -6.05 1.61 3.16
N GLY A 12 -5.48 2.08 2.05
CA GLY A 12 -5.69 1.42 0.77
C GLY A 12 -4.56 1.69 -0.21
N CYS A 13 -4.40 0.79 -1.18
CA CYS A 13 -3.34 0.94 -2.18
C CYS A 13 -3.88 1.65 -3.41
N ASN A 14 -3.25 2.78 -3.75
CA ASN A 14 -3.66 3.57 -4.91
C ASN A 14 -2.77 3.25 -6.11
N GLU A 15 -2.31 2.01 -6.20
CA GLU A 15 -1.46 1.58 -7.30
C GLU A 15 -2.12 0.46 -8.11
N CYS A 16 -2.67 -0.52 -7.40
CA CYS A 16 -3.33 -1.65 -8.04
C CYS A 16 -4.82 -1.65 -7.74
N GLY A 17 -5.16 -1.45 -6.48
CA GLY A 17 -6.56 -1.43 -6.07
C GLY A 17 -6.85 -2.37 -4.92
N LYS A 18 -5.94 -2.42 -3.95
CA LYS A 18 -6.09 -3.28 -2.79
C LYS A 18 -6.36 -2.46 -1.54
N ASP A 19 -6.69 -3.13 -0.44
CA ASP A 19 -6.96 -2.46 0.82
C ASP A 19 -6.37 -3.24 1.99
N PHE A 20 -6.10 -2.54 3.09
CA PHE A 20 -5.52 -3.16 4.27
C PHE A 20 -5.96 -2.44 5.54
N SER A 21 -6.61 -3.16 6.44
CA SER A 21 -7.08 -2.58 7.69
C SER A 21 -5.94 -1.92 8.46
N SER A 22 -4.79 -2.60 8.49
CA SER A 22 -3.62 -2.09 9.19
C SER A 22 -2.72 -1.31 8.24
N LYS A 23 -1.99 -0.34 8.78
CA LYS A 23 -1.08 0.48 7.98
C LYS A 23 0.12 -0.34 7.52
N SER A 24 0.56 -1.25 8.37
CA SER A 24 1.71 -2.10 8.05
C SER A 24 1.43 -2.96 6.83
N TYR A 25 0.40 -3.79 6.92
CA TYR A 25 0.03 -4.67 5.82
C TYR A 25 0.14 -3.94 4.48
N LEU A 26 -0.15 -2.65 4.49
CA LEU A 26 -0.09 -1.84 3.28
C LEU A 26 1.36 -1.55 2.90
N ILE A 27 2.08 -0.86 3.80
CA ILE A 27 3.47 -0.52 3.56
C ILE A 27 4.24 -1.72 3.01
N VAL A 28 3.95 -2.90 3.54
CA VAL A 28 4.61 -4.12 3.10
C VAL A 28 4.24 -4.47 1.66
N HIS A 29 2.96 -4.29 1.33
CA HIS A 29 2.47 -4.59 -0.01
C HIS A 29 3.01 -3.58 -1.02
N GLN A 30 2.81 -2.31 -0.74
CA GLN A 30 3.27 -1.23 -1.61
C GLN A 30 4.65 -1.56 -2.18
N ARG A 31 5.40 -2.40 -1.46
CA ARG A 31 6.74 -2.78 -1.89
C ARG A 31 6.70 -3.48 -3.24
N ILE A 32 5.75 -4.39 -3.40
CA ILE A 32 5.60 -5.13 -4.65
C ILE A 32 5.51 -4.18 -5.84
N HIS A 33 5.27 -2.91 -5.55
CA HIS A 33 5.15 -1.89 -6.59
C HIS A 33 6.37 -0.99 -6.61
N THR A 34 6.96 -0.76 -5.43
CA THR A 34 8.14 0.08 -5.31
C THR A 34 9.23 -0.35 -6.28
N GLY A 35 9.45 -1.65 -6.38
CA GLY A 35 10.47 -2.17 -7.28
C GLY A 35 10.68 -3.65 -7.11
N GLU A 36 9.61 -4.37 -6.78
CA GLU A 36 9.69 -5.82 -6.59
C GLU A 36 8.59 -6.53 -7.39
N LYS A 37 8.42 -6.11 -8.64
CA LYS A 37 7.41 -6.70 -9.51
C LYS A 37 7.54 -8.23 -9.53
N LEU A 38 8.74 -8.72 -9.81
CA LEU A 38 8.99 -10.15 -9.86
C LEU A 38 8.10 -10.82 -10.90
N SER A 39 7.93 -10.17 -12.04
CA SER A 39 7.11 -10.71 -13.11
C SER A 39 7.97 -11.32 -14.21
N GLY A 40 7.36 -12.20 -15.01
CA GLY A 40 8.09 -12.85 -16.09
C GLY A 40 8.04 -12.05 -17.37
N PRO A 41 9.15 -12.10 -18.14
CA PRO A 41 9.27 -11.38 -19.41
C PRO A 41 8.37 -11.97 -20.49
N SER A 42 7.87 -11.11 -21.38
CA SER A 42 7.00 -11.55 -22.46
C SER A 42 7.67 -11.35 -23.81
N SER A 43 7.07 -11.90 -24.85
CA SER A 43 7.60 -11.79 -26.21
C SER A 43 9.08 -12.21 -26.24
N GLY A 44 9.39 -13.30 -25.54
CA GLY A 44 10.75 -13.78 -25.50
C GLY A 44 11.63 -12.98 -24.57
ZN ZN B . -1.16 -2.47 -4.71
N GLY A 1 -5.96 8.99 20.82
CA GLY A 1 -4.58 9.14 20.39
C GLY A 1 -4.47 9.67 18.97
N SER A 2 -3.44 9.22 18.26
CA SER A 2 -3.22 9.65 16.88
C SER A 2 -3.82 8.66 15.90
N SER A 3 -5.03 8.19 16.21
CA SER A 3 -5.72 7.23 15.35
C SER A 3 -7.12 7.72 14.99
N GLY A 4 -7.91 8.03 16.02
CA GLY A 4 -9.26 8.50 15.79
C GLY A 4 -10.25 7.36 15.60
N SER A 5 -10.92 7.36 14.44
CA SER A 5 -11.90 6.32 14.14
C SER A 5 -11.49 5.53 12.91
N SER A 6 -10.56 4.58 13.10
CA SER A 6 -10.08 3.76 12.00
C SER A 6 -10.38 2.28 12.26
N GLY A 7 -10.37 1.48 11.20
CA GLY A 7 -10.64 0.06 11.33
C GLY A 7 -11.36 -0.50 10.11
N GLU A 8 -12.26 0.29 9.53
CA GLU A 8 -13.01 -0.15 8.36
C GLU A 8 -12.19 0.05 7.09
N LYS A 9 -11.07 -0.64 7.01
CA LYS A 9 -10.18 -0.54 5.85
C LYS A 9 -9.81 0.91 5.58
N PRO A 10 -9.26 1.59 6.59
CA PRO A 10 -8.86 2.99 6.49
C PRO A 10 -7.63 3.17 5.60
N TYR A 11 -6.89 2.08 5.40
CA TYR A 11 -5.69 2.12 4.57
C TYR A 11 -5.93 1.41 3.24
N GLY A 12 -5.50 2.05 2.16
CA GLY A 12 -5.68 1.47 0.84
C GLY A 12 -4.54 1.82 -0.11
N CYS A 13 -4.26 0.92 -1.05
CA CYS A 13 -3.19 1.14 -2.02
C CYS A 13 -3.71 1.85 -3.26
N ASN A 14 -3.25 3.07 -3.47
CA ASN A 14 -3.66 3.86 -4.63
C ASN A 14 -3.01 3.34 -5.90
N GLU A 15 -1.81 2.80 -5.76
CA GLU A 15 -1.08 2.26 -6.91
C GLU A 15 -1.97 1.35 -7.75
N CYS A 16 -2.54 0.34 -7.09
CA CYS A 16 -3.41 -0.61 -7.78
C CYS A 16 -4.86 -0.45 -7.31
N GLY A 17 -5.04 -0.34 -6.00
CA GLY A 17 -6.37 -0.18 -5.45
C GLY A 17 -6.67 -1.19 -4.35
N LYS A 18 -5.63 -1.80 -3.82
CA LYS A 18 -5.78 -2.80 -2.76
C LYS A 18 -6.31 -2.15 -1.49
N ASP A 19 -6.83 -2.97 -0.59
CA ASP A 19 -7.37 -2.48 0.69
C ASP A 19 -6.82 -3.28 1.85
N PHE A 20 -6.33 -2.58 2.86
CA PHE A 20 -5.76 -3.22 4.04
C PHE A 20 -6.32 -2.61 5.32
N SER A 21 -6.41 -3.41 6.38
CA SER A 21 -6.93 -2.96 7.66
C SER A 21 -5.85 -2.25 8.47
N SER A 22 -4.65 -2.82 8.47
CA SER A 22 -3.53 -2.24 9.20
C SER A 22 -2.62 -1.44 8.28
N LYS A 23 -1.96 -0.44 8.84
CA LYS A 23 -1.05 0.41 8.07
C LYS A 23 0.17 -0.37 7.61
N SER A 24 0.66 -1.26 8.47
CA SER A 24 1.83 -2.07 8.15
C SER A 24 1.59 -2.91 6.90
N TYR A 25 0.51 -3.69 6.92
CA TYR A 25 0.16 -4.54 5.79
C TYR A 25 0.30 -3.79 4.47
N LEU A 26 -0.09 -2.52 4.49
CA LEU A 26 -0.01 -1.68 3.30
C LEU A 26 1.44 -1.39 2.93
N ILE A 27 2.16 -0.76 3.85
CA ILE A 27 3.57 -0.43 3.63
C ILE A 27 4.33 -1.62 3.04
N VAL A 28 4.00 -2.82 3.53
CA VAL A 28 4.65 -4.03 3.05
C VAL A 28 4.23 -4.36 1.62
N HIS A 29 2.94 -4.16 1.34
CA HIS A 29 2.41 -4.44 0.01
C HIS A 29 3.00 -3.49 -1.03
N GLN A 30 2.89 -2.19 -0.75
CA GLN A 30 3.41 -1.17 -1.65
C GLN A 30 4.78 -1.57 -2.19
N ARG A 31 5.46 -2.45 -1.46
CA ARG A 31 6.79 -2.91 -1.87
C ARG A 31 6.73 -3.64 -3.21
N ILE A 32 5.70 -4.47 -3.38
CA ILE A 32 5.53 -5.22 -4.61
C ILE A 32 5.41 -4.29 -5.81
N HIS A 33 5.27 -3.00 -5.54
CA HIS A 33 5.14 -2.00 -6.59
C HIS A 33 6.43 -1.20 -6.74
N THR A 34 7.18 -1.09 -5.66
CA THR A 34 8.43 -0.35 -5.67
C THR A 34 9.47 -1.02 -6.56
N GLY A 35 10.62 -0.38 -6.73
CA GLY A 35 11.67 -0.94 -7.56
C GLY A 35 12.85 0.00 -7.70
N GLU A 36 12.58 1.27 -7.99
CA GLU A 36 13.63 2.26 -8.15
C GLU A 36 14.56 2.26 -6.94
N LYS A 37 15.77 1.76 -7.14
CA LYS A 37 16.76 1.71 -6.08
C LYS A 37 17.15 3.11 -5.62
N LEU A 38 17.30 4.02 -6.58
CA LEU A 38 17.67 5.39 -6.28
C LEU A 38 18.58 5.47 -5.06
N SER A 39 19.51 4.51 -4.97
CA SER A 39 20.45 4.46 -3.85
C SER A 39 21.13 5.82 -3.66
N GLY A 40 20.64 6.59 -2.70
CA GLY A 40 21.23 7.90 -2.43
C GLY A 40 20.27 9.04 -2.74
N PRO A 41 19.44 9.39 -1.75
CA PRO A 41 18.46 10.47 -1.90
C PRO A 41 19.11 11.85 -1.98
N SER A 42 20.13 12.06 -1.14
CA SER A 42 20.83 13.33 -1.12
C SER A 42 21.53 13.59 -2.45
N SER A 43 21.44 14.83 -2.92
CA SER A 43 22.05 15.21 -4.19
C SER A 43 23.49 14.72 -4.27
N GLY A 44 23.79 13.98 -5.32
CA GLY A 44 25.14 13.45 -5.50
C GLY A 44 25.47 13.16 -6.95
ZN ZN B . -1.17 -2.04 -4.70
N GLY A 1 -19.18 17.41 10.09
CA GLY A 1 -20.37 17.32 9.26
C GLY A 1 -20.43 16.02 8.47
N SER A 2 -19.58 15.93 7.44
CA SER A 2 -19.54 14.74 6.60
C SER A 2 -18.11 14.21 6.48
N SER A 3 -17.74 13.32 7.40
CA SER A 3 -16.41 12.75 7.41
C SER A 3 -16.39 11.41 6.68
N GLY A 4 -17.17 10.45 7.20
CA GLY A 4 -17.24 9.14 6.58
C GLY A 4 -17.30 8.02 7.61
N SER A 5 -16.69 6.89 7.29
CA SER A 5 -16.69 5.74 8.19
C SER A 5 -15.56 5.86 9.20
N SER A 6 -14.38 6.22 8.73
CA SER A 6 -13.22 6.37 9.60
C SER A 6 -13.14 5.23 10.60
N GLY A 7 -13.41 4.01 10.12
CA GLY A 7 -13.35 2.85 10.99
C GLY A 7 -13.55 1.56 10.22
N GLU A 8 -12.96 1.48 9.02
CA GLU A 8 -13.08 0.29 8.20
C GLU A 8 -12.22 0.42 6.93
N LYS A 9 -11.17 -0.38 6.86
CA LYS A 9 -10.27 -0.36 5.71
C LYS A 9 -9.84 1.07 5.39
N PRO A 10 -9.31 1.78 6.40
CA PRO A 10 -8.85 3.16 6.23
C PRO A 10 -7.59 3.26 5.38
N TYR A 11 -6.83 2.18 5.33
CA TYR A 11 -5.61 2.14 4.54
C TYR A 11 -5.82 1.42 3.22
N GLY A 12 -5.27 1.98 2.15
CA GLY A 12 -5.41 1.38 0.83
C GLY A 12 -4.27 1.73 -0.10
N CYS A 13 -4.03 0.88 -1.09
CA CYS A 13 -2.96 1.12 -2.05
C CYS A 13 -3.47 1.89 -3.27
N ASN A 14 -2.61 2.72 -3.84
CA ASN A 14 -2.98 3.52 -5.01
C ASN A 14 -2.44 2.89 -6.29
N GLU A 15 -1.26 2.29 -6.19
CA GLU A 15 -0.63 1.65 -7.35
C GLU A 15 -1.62 0.73 -8.06
N CYS A 16 -2.09 -0.27 -7.34
CA CYS A 16 -3.04 -1.23 -7.91
C CYS A 16 -4.46 -0.94 -7.42
N GLY A 17 -4.59 -0.72 -6.12
CA GLY A 17 -5.90 -0.43 -5.54
C GLY A 17 -6.28 -1.40 -4.44
N LYS A 18 -5.27 -2.03 -3.84
CA LYS A 18 -5.50 -2.99 -2.77
C LYS A 18 -6.04 -2.29 -1.52
N ASP A 19 -6.60 -3.07 -0.61
CA ASP A 19 -7.15 -2.53 0.63
C ASP A 19 -6.67 -3.32 1.83
N PHE A 20 -6.24 -2.61 2.87
CA PHE A 20 -5.75 -3.24 4.09
C PHE A 20 -6.33 -2.57 5.33
N SER A 21 -6.59 -3.36 6.36
CA SER A 21 -7.14 -2.84 7.61
C SER A 21 -6.09 -2.08 8.40
N SER A 22 -4.89 -2.65 8.50
CA SER A 22 -3.79 -2.03 9.23
C SER A 22 -2.96 -1.15 8.30
N LYS A 23 -1.95 -0.51 8.87
CA LYS A 23 -1.07 0.37 8.10
C LYS A 23 0.17 -0.38 7.62
N SER A 24 0.71 -1.22 8.49
CA SER A 24 1.90 -2.00 8.16
C SER A 24 1.62 -2.94 6.99
N TYR A 25 0.44 -3.56 6.99
CA TYR A 25 0.05 -4.48 5.93
C TYR A 25 0.11 -3.79 4.57
N LEU A 26 -0.14 -2.49 4.55
CA LEU A 26 -0.10 -1.72 3.31
C LEU A 26 1.32 -1.42 2.89
N ILE A 27 2.07 -0.75 3.76
CA ILE A 27 3.45 -0.40 3.48
C ILE A 27 4.23 -1.60 2.97
N VAL A 28 3.91 -2.78 3.52
CA VAL A 28 4.57 -4.02 3.10
C VAL A 28 4.18 -4.42 1.69
N HIS A 29 2.90 -4.23 1.37
CA HIS A 29 2.39 -4.58 0.05
C HIS A 29 2.90 -3.60 -1.00
N GLN A 30 2.78 -2.31 -0.72
CA GLN A 30 3.23 -1.27 -1.65
C GLN A 30 4.60 -1.61 -2.20
N ARG A 31 5.35 -2.43 -1.47
CA ARG A 31 6.69 -2.84 -1.89
C ARG A 31 6.65 -3.55 -3.24
N ILE A 32 5.62 -4.39 -3.42
CA ILE A 32 5.46 -5.13 -4.66
C ILE A 32 5.44 -4.20 -5.87
N HIS A 33 5.30 -2.90 -5.61
CA HIS A 33 5.26 -1.91 -6.67
C HIS A 33 6.57 -1.11 -6.72
N THR A 34 7.16 -0.89 -5.55
CA THR A 34 8.41 -0.15 -5.45
C THR A 34 9.49 -0.77 -6.33
N GLY A 35 10.65 -0.12 -6.39
CA GLY A 35 11.74 -0.63 -7.20
C GLY A 35 13.08 -0.50 -6.50
N GLU A 36 13.35 -1.43 -5.58
CA GLU A 36 14.61 -1.43 -4.84
C GLU A 36 15.30 -2.78 -4.93
N LYS A 37 16.19 -2.92 -5.91
CA LYS A 37 16.92 -4.16 -6.11
C LYS A 37 15.97 -5.32 -6.39
N LEU A 38 14.97 -5.06 -7.23
CA LEU A 38 13.99 -6.08 -7.59
C LEU A 38 14.08 -6.42 -9.07
N SER A 39 13.66 -7.64 -9.41
CA SER A 39 13.70 -8.09 -10.80
C SER A 39 12.78 -7.24 -11.68
N GLY A 40 11.53 -7.08 -11.24
CA GLY A 40 10.58 -6.29 -11.99
C GLY A 40 9.50 -7.14 -12.64
N PRO A 41 8.87 -6.60 -13.69
CA PRO A 41 7.80 -7.30 -14.41
C PRO A 41 8.33 -8.50 -15.21
N SER A 42 7.54 -9.56 -15.26
CA SER A 42 7.92 -10.76 -15.99
C SER A 42 8.49 -10.41 -17.36
N SER A 43 9.32 -11.30 -17.90
CA SER A 43 9.94 -11.08 -19.19
C SER A 43 9.77 -12.31 -20.09
N GLY A 44 9.99 -13.49 -19.50
CA GLY A 44 9.86 -14.72 -20.26
C GLY A 44 9.97 -15.95 -19.39
ZN ZN B . -0.91 -2.14 -4.79
N GLY A 1 -10.97 12.85 20.08
CA GLY A 1 -10.73 12.58 18.68
C GLY A 1 -9.27 12.26 18.39
N SER A 2 -8.87 12.42 17.14
CA SER A 2 -7.50 12.14 16.73
C SER A 2 -6.95 10.92 17.46
N SER A 3 -7.78 9.89 17.59
CA SER A 3 -7.39 8.66 18.28
C SER A 3 -8.25 7.49 17.82
N GLY A 4 -7.71 6.28 17.97
CA GLY A 4 -8.44 5.09 17.58
C GLY A 4 -7.76 4.35 16.45
N SER A 5 -6.98 3.32 16.80
CA SER A 5 -6.26 2.53 15.82
C SER A 5 -7.18 1.48 15.19
N SER A 6 -8.40 1.89 14.87
CA SER A 6 -9.38 0.99 14.27
C SER A 6 -10.42 1.76 13.47
N GLY A 7 -10.55 1.42 12.19
CA GLY A 7 -11.51 2.10 11.33
C GLY A 7 -12.14 1.17 10.32
N GLU A 8 -12.59 1.73 9.20
CA GLU A 8 -13.22 0.94 8.15
C GLU A 8 -12.42 1.03 6.86
N LYS A 9 -11.30 0.30 6.81
CA LYS A 9 -10.45 0.29 5.63
C LYS A 9 -9.92 1.69 5.33
N PRO A 10 -9.30 2.31 6.33
CA PRO A 10 -8.74 3.67 6.20
C PRO A 10 -7.51 3.70 5.28
N TYR A 11 -6.80 2.58 5.20
CA TYR A 11 -5.62 2.48 4.37
C TYR A 11 -5.91 1.68 3.11
N GLY A 12 -5.23 2.03 2.02
CA GLY A 12 -5.42 1.32 0.76
C GLY A 12 -4.29 1.56 -0.21
N CYS A 13 -4.10 0.62 -1.13
CA CYS A 13 -3.04 0.72 -2.13
C CYS A 13 -3.59 1.28 -3.44
N ASN A 14 -2.97 2.38 -3.90
CA ASN A 14 -3.40 3.01 -5.14
C ASN A 14 -2.74 2.35 -6.34
N GLU A 15 -1.52 1.87 -6.15
CA GLU A 15 -0.78 1.21 -7.22
C GLU A 15 -1.67 0.21 -7.96
N CYS A 16 -2.22 -0.75 -7.23
CA CYS A 16 -3.09 -1.76 -7.81
C CYS A 16 -4.55 -1.46 -7.50
N GLY A 17 -4.83 -1.14 -6.25
CA GLY A 17 -6.20 -0.83 -5.86
C GLY A 17 -6.71 -1.76 -4.77
N LYS A 18 -5.80 -2.22 -3.91
CA LYS A 18 -6.16 -3.11 -2.83
C LYS A 18 -6.39 -2.33 -1.53
N ASP A 19 -6.84 -3.04 -0.50
CA ASP A 19 -7.10 -2.41 0.79
C ASP A 19 -6.46 -3.21 1.93
N PHE A 20 -6.19 -2.54 3.04
CA PHE A 20 -5.57 -3.18 4.19
C PHE A 20 -6.07 -2.55 5.49
N SER A 21 -6.56 -3.39 6.39
CA SER A 21 -7.07 -2.92 7.68
C SER A 21 -6.00 -2.15 8.44
N SER A 22 -4.77 -2.66 8.40
CA SER A 22 -3.65 -2.02 9.09
C SER A 22 -2.70 -1.38 8.09
N LYS A 23 -2.00 -0.34 8.52
CA LYS A 23 -1.05 0.36 7.67
C LYS A 23 0.14 -0.54 7.32
N SER A 24 0.60 -1.29 8.32
CA SER A 24 1.73 -2.19 8.13
C SER A 24 1.52 -3.08 6.91
N TYR A 25 0.45 -3.87 6.94
CA TYR A 25 0.14 -4.78 5.85
C TYR A 25 0.21 -4.05 4.50
N LEU A 26 -0.11 -2.76 4.52
CA LEU A 26 -0.08 -1.95 3.31
C LEU A 26 1.35 -1.57 2.94
N ILE A 27 2.01 -0.84 3.84
CA ILE A 27 3.39 -0.42 3.61
C ILE A 27 4.24 -1.57 3.08
N VAL A 28 3.97 -2.77 3.58
CA VAL A 28 4.71 -3.95 3.17
C VAL A 28 4.32 -4.37 1.75
N HIS A 29 3.04 -4.25 1.44
CA HIS A 29 2.53 -4.62 0.11
C HIS A 29 3.01 -3.61 -0.94
N GLN A 30 2.73 -2.33 -0.70
CA GLN A 30 3.13 -1.28 -1.62
C GLN A 30 4.51 -1.54 -2.18
N ARG A 31 5.31 -2.30 -1.44
CA ARG A 31 6.67 -2.61 -1.86
C ARG A 31 6.67 -3.36 -3.19
N ILE A 32 5.77 -4.32 -3.32
CA ILE A 32 5.66 -5.11 -4.55
C ILE A 32 5.45 -4.20 -5.76
N HIS A 33 5.16 -2.94 -5.50
CA HIS A 33 4.93 -1.98 -6.58
C HIS A 33 6.08 -0.96 -6.64
N THR A 34 7.22 -1.32 -6.06
CA THR A 34 8.39 -0.46 -6.05
C THR A 34 9.58 -1.11 -6.74
N GLY A 35 9.81 -2.38 -6.42
CA GLY A 35 10.92 -3.10 -7.01
C GLY A 35 10.69 -4.60 -7.05
N GLU A 36 10.13 -5.13 -5.97
CA GLU A 36 9.86 -6.56 -5.87
C GLU A 36 8.66 -6.94 -6.74
N LYS A 37 8.93 -7.31 -7.98
CA LYS A 37 7.88 -7.69 -8.92
C LYS A 37 7.96 -9.18 -9.24
N LEU A 38 8.24 -9.99 -8.22
CA LEU A 38 8.35 -11.44 -8.41
C LEU A 38 7.00 -12.11 -8.14
N SER A 39 6.34 -11.70 -7.06
CA SER A 39 5.05 -12.27 -6.70
C SER A 39 3.94 -11.74 -7.60
N GLY A 40 3.15 -12.65 -8.16
CA GLY A 40 2.06 -12.24 -9.03
C GLY A 40 2.25 -12.74 -10.45
N PRO A 41 1.60 -12.05 -11.41
CA PRO A 41 1.68 -12.42 -12.83
C PRO A 41 3.05 -12.13 -13.42
N SER A 42 3.34 -12.73 -14.57
CA SER A 42 4.62 -12.55 -15.24
C SER A 42 4.48 -11.60 -16.43
N SER A 43 5.46 -10.72 -16.61
CA SER A 43 5.45 -9.76 -17.70
C SER A 43 6.52 -10.09 -18.73
N GLY A 44 6.20 -11.00 -19.64
CA GLY A 44 7.15 -11.39 -20.67
C GLY A 44 7.70 -12.79 -20.45
ZN ZN B . -1.09 -2.73 -4.49
N GLY A 1 -18.33 9.87 24.48
CA GLY A 1 -18.37 10.88 23.43
C GLY A 1 -18.24 10.27 22.04
N SER A 2 -17.01 10.04 21.62
CA SER A 2 -16.75 9.47 20.30
C SER A 2 -16.95 7.95 20.32
N SER A 3 -16.80 7.32 19.16
CA SER A 3 -16.97 5.88 19.04
C SER A 3 -16.24 5.35 17.81
N GLY A 4 -16.15 4.02 17.70
CA GLY A 4 -15.48 3.41 16.57
C GLY A 4 -16.23 3.62 15.27
N SER A 5 -16.16 4.85 14.74
CA SER A 5 -16.85 5.17 13.49
C SER A 5 -15.89 5.12 12.32
N SER A 6 -14.86 5.96 12.35
CA SER A 6 -13.86 6.01 11.29
C SER A 6 -12.75 4.99 11.53
N GLY A 7 -13.02 3.73 11.18
CA GLY A 7 -12.03 2.68 11.37
C GLY A 7 -12.38 1.42 10.61
N GLU A 8 -12.69 1.56 9.33
CA GLU A 8 -13.05 0.42 8.49
C GLU A 8 -12.21 0.39 7.22
N LYS A 9 -10.99 -0.12 7.33
CA LYS A 9 -10.08 -0.20 6.19
C LYS A 9 -9.74 1.19 5.66
N PRO A 10 -9.23 2.05 6.55
CA PRO A 10 -8.85 3.42 6.20
C PRO A 10 -7.62 3.47 5.30
N TYR A 11 -6.89 2.37 5.25
CA TYR A 11 -5.69 2.27 4.43
C TYR A 11 -5.97 1.56 3.12
N GLY A 12 -5.38 2.06 2.03
CA GLY A 12 -5.59 1.45 0.73
C GLY A 12 -4.44 1.72 -0.23
N CYS A 13 -4.19 0.78 -1.13
CA CYS A 13 -3.12 0.93 -2.10
C CYS A 13 -3.62 1.60 -3.39
N ASN A 14 -3.03 2.75 -3.71
CA ASN A 14 -3.43 3.48 -4.91
C ASN A 14 -2.77 2.89 -6.15
N GLU A 15 -1.57 2.34 -5.98
CA GLU A 15 -0.85 1.73 -7.09
C GLU A 15 -1.75 0.81 -7.90
N CYS A 16 -2.31 -0.20 -7.22
CA CYS A 16 -3.20 -1.15 -7.88
C CYS A 16 -4.64 -0.90 -7.49
N GLY A 17 -4.88 -0.71 -6.19
CA GLY A 17 -6.23 -0.46 -5.72
C GLY A 17 -6.66 -1.48 -4.67
N LYS A 18 -5.72 -1.92 -3.85
CA LYS A 18 -6.02 -2.89 -2.80
C LYS A 18 -6.40 -2.19 -1.50
N ASP A 19 -6.88 -2.98 -0.53
CA ASP A 19 -7.28 -2.43 0.75
C ASP A 19 -6.68 -3.24 1.90
N PHE A 20 -6.32 -2.56 2.98
CA PHE A 20 -5.72 -3.22 4.14
C PHE A 20 -6.31 -2.66 5.43
N SER A 21 -6.39 -3.51 6.45
CA SER A 21 -6.93 -3.11 7.75
C SER A 21 -5.96 -2.19 8.48
N SER A 22 -4.68 -2.58 8.50
CA SER A 22 -3.66 -1.80 9.17
C SER A 22 -2.69 -1.21 8.16
N LYS A 23 -1.88 -0.25 8.61
CA LYS A 23 -0.90 0.39 7.75
C LYS A 23 0.22 -0.57 7.38
N SER A 24 0.82 -1.19 8.40
CA SER A 24 1.90 -2.14 8.18
C SER A 24 1.64 -3.00 6.96
N TYR A 25 0.54 -3.74 7.00
CA TYR A 25 0.17 -4.62 5.89
C TYR A 25 0.30 -3.90 4.56
N LEU A 26 -0.16 -2.66 4.52
CA LEU A 26 -0.10 -1.86 3.30
C LEU A 26 1.35 -1.55 2.93
N ILE A 27 2.05 -0.86 3.81
CA ILE A 27 3.44 -0.50 3.58
C ILE A 27 4.23 -1.69 3.02
N VAL A 28 3.97 -2.87 3.56
CA VAL A 28 4.64 -4.08 3.12
C VAL A 28 4.25 -4.44 1.69
N HIS A 29 2.97 -4.26 1.37
CA HIS A 29 2.47 -4.56 0.03
C HIS A 29 3.01 -3.55 -0.98
N GLN A 30 2.79 -2.27 -0.72
CA GLN A 30 3.25 -1.22 -1.62
C GLN A 30 4.64 -1.54 -2.17
N ARG A 31 5.39 -2.35 -1.43
CA ARG A 31 6.74 -2.74 -1.84
C ARG A 31 6.71 -3.45 -3.18
N ILE A 32 5.77 -4.38 -3.35
CA ILE A 32 5.64 -5.13 -4.58
C ILE A 32 5.46 -4.19 -5.77
N HIS A 33 5.21 -2.92 -5.49
CA HIS A 33 5.02 -1.92 -6.54
C HIS A 33 6.22 -0.99 -6.62
N THR A 34 6.78 -0.64 -5.46
CA THR A 34 7.94 0.25 -5.40
C THR A 34 9.00 -0.16 -6.42
N GLY A 35 9.43 0.79 -7.24
CA GLY A 35 10.44 0.50 -8.24
C GLY A 35 10.51 1.59 -9.31
N GLU A 36 9.36 2.12 -9.69
CA GLU A 36 9.30 3.16 -10.71
C GLU A 36 9.60 4.53 -10.10
N LYS A 37 8.88 4.86 -9.04
CA LYS A 37 9.08 6.14 -8.36
C LYS A 37 10.54 6.37 -8.01
N LEU A 38 11.14 5.42 -7.29
CA LEU A 38 12.53 5.52 -6.91
C LEU A 38 13.45 5.41 -8.13
N SER A 39 13.94 6.55 -8.60
CA SER A 39 14.83 6.58 -9.75
C SER A 39 15.82 7.72 -9.64
N GLY A 40 17.11 7.39 -9.80
CA GLY A 40 18.15 8.40 -9.71
C GLY A 40 19.36 8.07 -10.55
N PRO A 41 20.29 7.30 -9.98
CA PRO A 41 21.52 6.88 -10.67
C PRO A 41 21.25 5.88 -11.79
N SER A 42 19.98 5.58 -11.99
CA SER A 42 19.58 4.63 -13.04
C SER A 42 18.84 5.33 -14.17
N SER A 43 19.60 5.87 -15.12
CA SER A 43 19.02 6.58 -16.25
C SER A 43 19.35 5.87 -17.56
N GLY A 44 18.43 5.95 -18.51
CA GLY A 44 18.64 5.32 -19.80
C GLY A 44 17.56 4.30 -20.13
ZN ZN B . -1.13 -2.43 -4.60
N GLY A 1 -16.86 3.70 0.78
CA GLY A 1 -17.08 3.89 2.19
C GLY A 1 -16.09 4.86 2.82
N SER A 2 -16.27 6.15 2.51
CA SER A 2 -15.38 7.18 3.04
C SER A 2 -15.80 7.57 4.46
N SER A 3 -15.07 7.07 5.45
CA SER A 3 -15.35 7.37 6.84
C SER A 3 -14.12 7.15 7.72
N GLY A 4 -13.59 8.24 8.27
CA GLY A 4 -12.42 8.15 9.11
C GLY A 4 -12.76 7.98 10.58
N SER A 5 -11.75 7.93 11.43
CA SER A 5 -11.95 7.76 12.86
C SER A 5 -13.00 6.69 13.14
N SER A 6 -12.92 5.59 12.40
CA SER A 6 -13.86 4.49 12.56
C SER A 6 -13.12 3.16 12.75
N GLY A 7 -12.28 2.83 11.78
CA GLY A 7 -11.53 1.58 11.85
C GLY A 7 -12.05 0.53 10.90
N GLU A 8 -12.30 0.94 9.65
CA GLU A 8 -12.79 0.02 8.63
C GLU A 8 -12.01 0.17 7.34
N LYS A 9 -10.86 -0.50 7.26
CA LYS A 9 -10.01 -0.44 6.08
C LYS A 9 -9.67 1.00 5.72
N PRO A 10 -9.10 1.73 6.70
CA PRO A 10 -8.71 3.13 6.51
C PRO A 10 -7.52 3.27 5.58
N TYR A 11 -6.76 2.19 5.42
CA TYR A 11 -5.59 2.20 4.55
C TYR A 11 -5.87 1.47 3.23
N GLY A 12 -5.26 1.95 2.16
CA GLY A 12 -5.46 1.33 0.86
C GLY A 12 -4.35 1.67 -0.11
N CYS A 13 -4.11 0.77 -1.07
CA CYS A 13 -3.07 0.98 -2.07
C CYS A 13 -3.61 1.76 -3.27
N ASN A 14 -2.78 2.60 -3.85
CA ASN A 14 -3.17 3.40 -5.01
C ASN A 14 -2.63 2.78 -6.30
N GLU A 15 -1.44 2.19 -6.21
CA GLU A 15 -0.82 1.56 -7.38
C GLU A 15 -1.80 0.62 -8.08
N CYS A 16 -2.24 -0.40 -7.36
CA CYS A 16 -3.18 -1.38 -7.92
C CYS A 16 -4.62 -1.04 -7.51
N GLY A 17 -4.80 -0.74 -6.23
CA GLY A 17 -6.12 -0.41 -5.73
C GLY A 17 -6.64 -1.43 -4.75
N LYS A 18 -5.77 -1.89 -3.85
CA LYS A 18 -6.14 -2.87 -2.85
C LYS A 18 -6.55 -2.20 -1.54
N ASP A 19 -6.82 -3.00 -0.52
CA ASP A 19 -7.21 -2.48 0.78
C ASP A 19 -6.51 -3.24 1.91
N PHE A 20 -6.28 -2.55 3.02
CA PHE A 20 -5.62 -3.16 4.17
C PHE A 20 -6.07 -2.50 5.47
N SER A 21 -6.58 -3.32 6.40
CA SER A 21 -7.06 -2.81 7.68
C SER A 21 -5.91 -2.17 8.46
N SER A 22 -4.76 -2.82 8.47
CA SER A 22 -3.60 -2.30 9.18
C SER A 22 -2.72 -1.47 8.25
N LYS A 23 -2.01 -0.51 8.83
CA LYS A 23 -1.13 0.35 8.06
C LYS A 23 0.09 -0.41 7.56
N SER A 24 0.62 -1.30 8.41
CA SER A 24 1.79 -2.09 8.06
C SER A 24 1.51 -2.92 6.80
N TYR A 25 0.45 -3.71 6.85
CA TYR A 25 0.07 -4.57 5.72
C TYR A 25 0.22 -3.82 4.40
N LEU A 26 -0.25 -2.58 4.38
CA LEU A 26 -0.17 -1.75 3.17
C LEU A 26 1.27 -1.44 2.83
N ILE A 27 1.97 -0.78 3.75
CA ILE A 27 3.37 -0.41 3.54
C ILE A 27 4.16 -1.60 2.98
N VAL A 28 3.93 -2.77 3.56
CA VAL A 28 4.62 -3.99 3.12
C VAL A 28 4.22 -4.36 1.70
N HIS A 29 2.96 -4.15 1.37
CA HIS A 29 2.44 -4.47 0.04
C HIS A 29 3.01 -3.50 -1.00
N GLN A 30 2.83 -2.21 -0.76
CA GLN A 30 3.32 -1.19 -1.68
C GLN A 30 4.69 -1.55 -2.22
N ARG A 31 5.42 -2.37 -1.46
CA ARG A 31 6.75 -2.78 -1.86
C ARG A 31 6.71 -3.53 -3.19
N ILE A 32 5.76 -4.44 -3.33
CA ILE A 32 5.61 -5.22 -4.56
C ILE A 32 5.49 -4.30 -5.77
N HIS A 33 5.27 -3.02 -5.52
CA HIS A 33 5.13 -2.04 -6.60
C HIS A 33 6.38 -1.17 -6.69
N THR A 34 6.92 -0.78 -5.54
CA THR A 34 8.10 0.06 -5.49
C THR A 34 9.17 -0.43 -6.48
N GLY A 35 9.91 0.50 -7.05
CA GLY A 35 10.95 0.15 -8.01
C GLY A 35 10.57 0.49 -9.43
N GLU A 36 10.66 1.77 -9.77
CA GLU A 36 10.31 2.22 -11.12
C GLU A 36 10.84 3.63 -11.36
N LYS A 37 11.65 3.79 -12.39
CA LYS A 37 12.23 5.08 -12.74
C LYS A 37 13.07 5.63 -11.58
N LEU A 38 13.94 4.79 -11.05
CA LEU A 38 14.81 5.20 -9.93
C LEU A 38 16.25 5.35 -10.40
N SER A 39 16.98 6.25 -9.76
CA SER A 39 18.38 6.50 -10.11
C SER A 39 19.09 5.19 -10.44
N GLY A 40 18.95 4.21 -9.56
CA GLY A 40 19.59 2.92 -9.78
C GLY A 40 19.16 1.89 -8.77
N PRO A 41 19.48 0.61 -9.05
CA PRO A 41 19.13 -0.51 -8.17
C PRO A 41 19.94 -0.50 -6.87
N SER A 42 19.68 -1.47 -6.01
CA SER A 42 20.38 -1.58 -4.73
C SER A 42 20.24 -2.97 -4.15
N SER A 43 21.33 -3.47 -3.56
CA SER A 43 21.34 -4.80 -2.97
C SER A 43 20.74 -5.82 -3.92
N GLY A 44 21.11 -5.72 -5.20
CA GLY A 44 20.61 -6.65 -6.19
C GLY A 44 21.32 -7.99 -6.16
ZN ZN B . -1.12 -2.34 -4.70
N GLY A 1 -22.95 7.23 15.46
CA GLY A 1 -22.84 7.16 16.91
C GLY A 1 -22.22 5.85 17.37
N SER A 2 -21.11 5.47 16.75
CA SER A 2 -20.43 4.22 17.11
C SER A 2 -18.92 4.36 16.88
N SER A 3 -18.16 4.32 17.97
CA SER A 3 -16.71 4.44 17.90
C SER A 3 -16.04 3.24 18.56
N GLY A 4 -16.60 2.06 18.32
CA GLY A 4 -16.04 0.85 18.90
C GLY A 4 -14.80 0.37 18.16
N SER A 5 -13.65 0.97 18.49
CA SER A 5 -12.40 0.60 17.84
C SER A 5 -12.44 0.91 16.35
N SER A 6 -13.04 2.05 16.01
CA SER A 6 -13.16 2.45 14.61
C SER A 6 -11.92 2.04 13.82
N GLY A 7 -12.10 1.82 12.52
CA GLY A 7 -10.98 1.42 11.68
C GLY A 7 -11.39 0.36 10.66
N GLU A 8 -12.24 0.75 9.72
CA GLU A 8 -12.70 -0.18 8.68
C GLU A 8 -11.96 0.06 7.37
N LYS A 9 -10.84 -0.64 7.19
CA LYS A 9 -10.05 -0.50 5.98
C LYS A 9 -9.71 0.95 5.70
N PRO A 10 -9.13 1.62 6.70
CA PRO A 10 -8.75 3.04 6.59
C PRO A 10 -7.58 3.25 5.63
N TYR A 11 -6.83 2.18 5.37
CA TYR A 11 -5.69 2.25 4.46
C TYR A 11 -5.98 1.51 3.17
N GLY A 12 -5.38 1.99 2.07
CA GLY A 12 -5.59 1.36 0.78
C GLY A 12 -4.48 1.68 -0.20
N CYS A 13 -4.24 0.78 -1.14
CA CYS A 13 -3.19 0.96 -2.14
C CYS A 13 -3.72 1.76 -3.33
N ASN A 14 -3.13 2.93 -3.56
CA ASN A 14 -3.55 3.79 -4.66
C ASN A 14 -2.73 3.48 -5.92
N GLU A 15 -2.33 2.23 -6.05
CA GLU A 15 -1.55 1.80 -7.21
C GLU A 15 -2.28 0.71 -7.99
N CYS A 16 -2.75 -0.31 -7.28
CA CYS A 16 -3.47 -1.41 -7.90
C CYS A 16 -4.97 -1.32 -7.61
N GLY A 17 -5.30 -1.04 -6.36
CA GLY A 17 -6.70 -0.94 -5.97
C GLY A 17 -7.09 -1.94 -4.91
N LYS A 18 -6.24 -2.10 -3.90
CA LYS A 18 -6.50 -3.04 -2.82
C LYS A 18 -6.86 -2.30 -1.53
N ASP A 19 -7.00 -3.06 -0.45
CA ASP A 19 -7.35 -2.47 0.84
C ASP A 19 -6.63 -3.20 1.98
N PHE A 20 -6.36 -2.48 3.06
CA PHE A 20 -5.68 -3.06 4.21
C PHE A 20 -6.08 -2.35 5.50
N SER A 21 -6.62 -3.12 6.45
CA SER A 21 -7.06 -2.57 7.72
C SER A 21 -5.87 -1.98 8.50
N SER A 22 -4.76 -2.70 8.50
CA SER A 22 -3.56 -2.25 9.19
C SER A 22 -2.62 -1.53 8.24
N LYS A 23 -2.04 -0.42 8.72
CA LYS A 23 -1.11 0.36 7.91
C LYS A 23 0.08 -0.49 7.48
N SER A 24 0.59 -1.30 8.40
CA SER A 24 1.74 -2.16 8.12
C SER A 24 1.51 -2.96 6.84
N TYR A 25 0.48 -3.80 6.86
CA TYR A 25 0.14 -4.64 5.70
C TYR A 25 0.35 -3.86 4.40
N LEU A 26 -0.14 -2.63 4.37
CA LEU A 26 -0.03 -1.79 3.19
C LEU A 26 1.43 -1.46 2.90
N ILE A 27 2.08 -0.79 3.84
CA ILE A 27 3.49 -0.42 3.69
C ILE A 27 4.30 -1.59 3.13
N VAL A 28 3.99 -2.80 3.58
CA VAL A 28 4.69 -3.99 3.11
C VAL A 28 4.29 -4.34 1.68
N HIS A 29 3.00 -4.22 1.37
CA HIS A 29 2.50 -4.52 0.04
C HIS A 29 3.05 -3.54 -0.98
N GLN A 30 2.87 -2.25 -0.73
CA GLN A 30 3.36 -1.21 -1.62
C GLN A 30 4.72 -1.58 -2.20
N ARG A 31 5.46 -2.40 -1.46
CA ARG A 31 6.78 -2.82 -1.89
C ARG A 31 6.72 -3.53 -3.24
N ILE A 32 5.76 -4.45 -3.37
CA ILE A 32 5.58 -5.19 -4.61
C ILE A 32 5.46 -4.25 -5.81
N HIS A 33 5.24 -2.97 -5.53
CA HIS A 33 5.10 -1.97 -6.59
C HIS A 33 6.34 -1.08 -6.65
N THR A 34 6.95 -0.84 -5.49
CA THR A 34 8.14 -0.01 -5.42
C THR A 34 9.20 -0.47 -6.41
N GLY A 35 9.97 0.47 -6.95
CA GLY A 35 11.00 0.14 -7.90
C GLY A 35 10.89 0.93 -9.20
N GLU A 36 11.67 2.00 -9.31
CA GLU A 36 11.66 2.83 -10.49
C GLU A 36 12.52 2.23 -11.61
N LYS A 37 13.83 2.23 -11.39
CA LYS A 37 14.76 1.69 -12.36
C LYS A 37 15.69 0.67 -11.72
N LEU A 38 15.97 0.86 -10.44
CA LEU A 38 16.84 -0.04 -9.70
C LEU A 38 16.26 -1.45 -9.64
N SER A 39 17.08 -2.44 -9.93
CA SER A 39 16.65 -3.83 -9.90
C SER A 39 15.23 -3.97 -10.46
N GLY A 40 14.93 -3.16 -11.49
CA GLY A 40 13.61 -3.20 -12.09
C GLY A 40 12.51 -2.90 -11.10
N PRO A 41 11.28 -3.36 -11.40
CA PRO A 41 10.11 -3.13 -10.55
C PRO A 41 10.19 -3.93 -9.25
N SER A 42 11.23 -4.75 -9.13
CA SER A 42 11.42 -5.57 -7.93
C SER A 42 10.31 -6.60 -7.80
N SER A 43 9.89 -7.15 -8.94
CA SER A 43 8.82 -8.14 -8.96
C SER A 43 9.40 -9.55 -9.06
N GLY A 44 9.83 -10.10 -7.92
CA GLY A 44 10.40 -11.43 -7.91
C GLY A 44 10.74 -11.90 -6.50
ZN ZN B . -1.15 -2.37 -4.70
N GLY A 1 -19.37 9.31 -2.09
CA GLY A 1 -19.11 10.24 -1.00
C GLY A 1 -17.82 9.93 -0.27
N SER A 2 -17.94 9.64 1.02
CA SER A 2 -16.76 9.32 1.84
C SER A 2 -17.19 8.78 3.20
N SER A 3 -16.35 7.91 3.75
CA SER A 3 -16.64 7.31 5.06
C SER A 3 -16.58 8.37 6.17
N GLY A 4 -17.53 8.30 7.09
CA GLY A 4 -17.57 9.25 8.19
C GLY A 4 -16.58 8.90 9.28
N SER A 5 -15.30 9.18 9.04
CA SER A 5 -14.25 8.89 10.01
C SER A 5 -14.50 7.55 10.68
N SER A 6 -14.94 6.57 9.90
CA SER A 6 -15.21 5.23 10.42
C SER A 6 -13.97 4.34 10.31
N GLY A 7 -13.82 3.43 11.27
CA GLY A 7 -12.69 2.53 11.27
C GLY A 7 -12.88 1.35 10.34
N GLU A 8 -13.11 1.62 9.07
CA GLU A 8 -13.32 0.56 8.09
C GLU A 8 -12.41 0.76 6.88
N LYS A 9 -11.41 -0.10 6.74
CA LYS A 9 -10.47 -0.03 5.62
C LYS A 9 -9.95 1.40 5.45
N PRO A 10 -9.39 1.96 6.54
CA PRO A 10 -8.84 3.32 6.53
C PRO A 10 -7.57 3.42 5.69
N TYR A 11 -6.95 2.28 5.41
CA TYR A 11 -5.72 2.24 4.62
C TYR A 11 -5.95 1.53 3.29
N GLY A 12 -5.33 2.06 2.24
CA GLY A 12 -5.49 1.47 0.92
C GLY A 12 -4.31 1.77 0.01
N CYS A 13 -4.09 0.90 -0.97
CA CYS A 13 -2.98 1.09 -1.91
C CYS A 13 -3.38 2.03 -3.04
N ASN A 14 -2.62 3.10 -3.21
CA ASN A 14 -2.89 4.08 -4.25
C ASN A 14 -2.07 3.79 -5.50
N GLU A 15 -1.83 2.51 -5.76
CA GLU A 15 -1.06 2.09 -6.92
C GLU A 15 -1.85 1.10 -7.78
N CYS A 16 -2.55 0.19 -7.11
CA CYS A 16 -3.34 -0.82 -7.81
C CYS A 16 -4.81 -0.71 -7.43
N GLY A 17 -5.07 -0.52 -6.13
CA GLY A 17 -6.44 -0.41 -5.66
C GLY A 17 -6.78 -1.46 -4.63
N LYS A 18 -5.82 -1.81 -3.79
CA LYS A 18 -6.02 -2.81 -2.75
C LYS A 18 -6.39 -2.15 -1.43
N ASP A 19 -7.02 -2.92 -0.54
CA ASP A 19 -7.42 -2.42 0.76
C ASP A 19 -6.82 -3.26 1.88
N PHE A 20 -6.45 -2.60 2.98
CA PHE A 20 -5.87 -3.28 4.12
C PHE A 20 -6.52 -2.83 5.42
N SER A 21 -6.58 -3.73 6.39
CA SER A 21 -7.18 -3.43 7.68
C SER A 21 -6.22 -2.63 8.56
N SER A 22 -4.93 -2.70 8.22
CA SER A 22 -3.91 -1.99 8.98
C SER A 22 -3.03 -1.16 8.05
N LYS A 23 -2.07 -0.45 8.63
CA LYS A 23 -1.16 0.39 7.85
C LYS A 23 0.08 -0.40 7.44
N SER A 24 0.56 -1.24 8.35
CA SER A 24 1.75 -2.05 8.08
C SER A 24 1.54 -2.92 6.84
N TYR A 25 0.51 -3.75 6.88
CA TYR A 25 0.20 -4.64 5.76
C TYR A 25 0.27 -3.88 4.43
N LEU A 26 -0.04 -2.59 4.48
CA LEU A 26 -0.03 -1.75 3.29
C LEU A 26 1.40 -1.38 2.91
N ILE A 27 2.13 -0.79 3.86
CA ILE A 27 3.51 -0.39 3.63
C ILE A 27 4.34 -1.54 3.09
N VAL A 28 4.03 -2.76 3.56
CA VAL A 28 4.75 -3.95 3.12
C VAL A 28 4.35 -4.34 1.70
N HIS A 29 3.07 -4.15 1.39
CA HIS A 29 2.56 -4.49 0.06
C HIS A 29 3.09 -3.53 -0.99
N GLN A 30 2.95 -2.23 -0.72
CA GLN A 30 3.42 -1.21 -1.65
C GLN A 30 4.78 -1.57 -2.21
N ARG A 31 5.50 -2.42 -1.50
CA ARG A 31 6.83 -2.84 -1.93
C ARG A 31 6.76 -3.58 -3.26
N ILE A 32 5.78 -4.46 -3.39
CA ILE A 32 5.59 -5.23 -4.61
C ILE A 32 5.42 -4.32 -5.82
N HIS A 33 5.25 -3.03 -5.56
CA HIS A 33 5.07 -2.05 -6.62
C HIS A 33 6.32 -1.19 -6.78
N THR A 34 7.08 -1.05 -5.70
CA THR A 34 8.30 -0.26 -5.73
C THR A 34 9.24 -0.73 -6.84
N GLY A 35 9.44 0.12 -7.84
CA GLY A 35 10.32 -0.23 -8.94
C GLY A 35 9.86 -1.46 -9.68
N GLU A 36 8.55 -1.64 -9.77
CA GLU A 36 7.97 -2.80 -10.46
C GLU A 36 7.10 -2.35 -11.63
N LYS A 37 6.35 -1.28 -11.44
CA LYS A 37 5.47 -0.75 -12.47
C LYS A 37 6.10 -0.94 -13.85
N LEU A 38 5.26 -1.23 -14.84
CA LEU A 38 5.73 -1.44 -16.21
C LEU A 38 5.27 -0.30 -17.11
N SER A 39 3.99 0.07 -17.01
CA SER A 39 3.43 1.14 -17.82
C SER A 39 3.82 2.50 -17.25
N GLY A 40 5.02 2.96 -17.61
CA GLY A 40 5.49 4.25 -17.14
C GLY A 40 5.65 4.29 -15.63
N PRO A 41 6.56 5.14 -15.15
CA PRO A 41 6.83 5.28 -13.72
C PRO A 41 5.69 5.97 -12.98
N SER A 42 5.87 6.22 -11.69
CA SER A 42 4.85 6.87 -10.88
C SER A 42 5.48 7.83 -9.88
N SER A 43 4.76 8.91 -9.57
CA SER A 43 5.25 9.91 -8.64
C SER A 43 5.99 9.26 -7.47
N GLY A 44 7.00 9.94 -6.96
CA GLY A 44 7.77 9.41 -5.85
C GLY A 44 6.99 9.42 -4.55
ZN ZN B . -1.16 -2.28 -4.61
N GLY A 1 -8.11 -5.85 13.70
CA GLY A 1 -7.29 -6.95 14.17
C GLY A 1 -6.81 -6.76 15.59
N SER A 2 -5.70 -6.05 15.75
CA SER A 2 -5.13 -5.80 17.08
C SER A 2 -5.67 -4.50 17.66
N SER A 3 -5.33 -4.24 18.91
CA SER A 3 -5.79 -3.03 19.59
C SER A 3 -4.87 -1.85 19.27
N GLY A 4 -5.23 -1.09 18.24
CA GLY A 4 -4.43 0.06 17.84
C GLY A 4 -5.23 1.09 17.08
N SER A 5 -4.64 1.65 16.03
CA SER A 5 -5.30 2.65 15.22
C SER A 5 -5.90 2.04 13.96
N SER A 6 -6.93 1.22 14.15
CA SER A 6 -7.60 0.56 13.02
C SER A 6 -9.09 0.83 13.05
N GLY A 7 -9.67 1.07 11.87
CA GLY A 7 -11.09 1.34 11.77
C GLY A 7 -11.78 0.46 10.75
N GLU A 8 -12.12 1.04 9.60
CA GLU A 8 -12.80 0.30 8.54
C GLU A 8 -12.08 0.49 7.22
N LYS A 9 -10.93 -0.17 7.07
CA LYS A 9 -10.14 -0.09 5.84
C LYS A 9 -9.74 1.36 5.56
N PRO A 10 -9.09 2.00 6.54
CA PRO A 10 -8.64 3.39 6.41
C PRO A 10 -7.49 3.53 5.43
N TYR A 11 -6.75 2.46 5.23
CA TYR A 11 -5.61 2.47 4.30
C TYR A 11 -5.94 1.66 3.05
N GLY A 12 -5.29 2.03 1.94
CA GLY A 12 -5.51 1.35 0.69
C GLY A 12 -4.44 1.64 -0.34
N CYS A 13 -4.20 0.69 -1.24
CA CYS A 13 -3.19 0.84 -2.28
C CYS A 13 -3.81 1.39 -3.56
N ASN A 14 -3.43 2.61 -3.93
CA ASN A 14 -3.94 3.24 -5.14
C ASN A 14 -3.28 2.68 -6.38
N GLU A 15 -2.00 2.30 -6.25
CA GLU A 15 -1.25 1.74 -7.36
C GLU A 15 -2.08 0.71 -8.12
N CYS A 16 -2.52 -0.32 -7.40
CA CYS A 16 -3.33 -1.38 -8.00
C CYS A 16 -4.80 -1.24 -7.61
N GLY A 17 -5.03 -0.99 -6.32
CA GLY A 17 -6.39 -0.83 -5.83
C GLY A 17 -6.73 -1.81 -4.73
N LYS A 18 -5.74 -2.11 -3.89
CA LYS A 18 -5.93 -3.04 -2.78
C LYS A 18 -6.39 -2.31 -1.52
N ASP A 19 -6.93 -3.06 -0.57
CA ASP A 19 -7.39 -2.48 0.69
C ASP A 19 -6.91 -3.30 1.88
N PHE A 20 -6.36 -2.62 2.88
CA PHE A 20 -5.86 -3.28 4.08
C PHE A 20 -6.51 -2.70 5.33
N SER A 21 -6.46 -3.46 6.42
CA SER A 21 -7.03 -3.02 7.69
C SER A 21 -6.07 -2.14 8.45
N SER A 22 -4.82 -2.60 8.58
CA SER A 22 -3.80 -1.85 9.28
C SER A 22 -2.92 -1.07 8.32
N LYS A 23 -1.92 -0.38 8.85
CA LYS A 23 -1.01 0.41 8.04
C LYS A 23 0.19 -0.43 7.59
N SER A 24 0.82 -1.12 8.54
CA SER A 24 1.97 -1.96 8.24
C SER A 24 1.72 -2.82 7.01
N TYR A 25 0.72 -3.69 7.10
CA TYR A 25 0.37 -4.57 5.99
C TYR A 25 0.51 -3.84 4.65
N LEU A 26 -0.15 -2.70 4.53
CA LEU A 26 -0.10 -1.90 3.31
C LEU A 26 1.34 -1.57 2.93
N ILE A 27 2.07 -0.96 3.86
CA ILE A 27 3.46 -0.60 3.63
C ILE A 27 4.25 -1.76 3.05
N VAL A 28 3.96 -2.97 3.54
CA VAL A 28 4.64 -4.17 3.07
C VAL A 28 4.24 -4.51 1.64
N HIS A 29 2.96 -4.32 1.33
CA HIS A 29 2.44 -4.60 0.00
C HIS A 29 2.98 -3.58 -1.02
N GLN A 30 2.78 -2.31 -0.72
CA GLN A 30 3.23 -1.24 -1.60
C GLN A 30 4.62 -1.55 -2.17
N ARG A 31 5.37 -2.39 -1.44
CA ARG A 31 6.71 -2.76 -1.86
C ARG A 31 6.68 -3.44 -3.23
N ILE A 32 5.73 -4.36 -3.40
CA ILE A 32 5.58 -5.09 -4.66
C ILE A 32 5.45 -4.13 -5.83
N HIS A 33 5.22 -2.86 -5.53
CA HIS A 33 5.07 -1.84 -6.57
C HIS A 33 6.26 -0.88 -6.55
N THR A 34 7.37 -1.32 -6.00
CA THR A 34 8.58 -0.51 -5.92
C THR A 34 9.74 -1.15 -6.65
N GLY A 35 10.58 -0.33 -7.26
CA GLY A 35 11.73 -0.84 -8.01
C GLY A 35 13.03 -0.65 -7.26
N GLU A 36 13.10 -1.21 -6.06
CA GLU A 36 14.30 -1.09 -5.23
C GLU A 36 14.92 -2.47 -4.98
N LYS A 37 14.07 -3.47 -4.84
CA LYS A 37 14.52 -4.84 -4.58
C LYS A 37 15.82 -5.13 -5.34
N LEU A 38 15.79 -4.91 -6.65
CA LEU A 38 16.96 -5.15 -7.48
C LEU A 38 17.92 -3.96 -7.43
N SER A 39 19.19 -4.24 -7.19
CA SER A 39 20.20 -3.19 -7.11
C SER A 39 20.66 -2.78 -8.51
N GLY A 40 20.85 -3.76 -9.38
CA GLY A 40 21.29 -3.48 -10.74
C GLY A 40 20.32 -2.57 -11.47
N PRO A 41 20.30 -2.68 -12.81
CA PRO A 41 19.42 -1.88 -13.66
C PRO A 41 17.96 -2.26 -13.51
N SER A 42 17.29 -1.65 -12.53
CA SER A 42 15.89 -1.93 -12.27
C SER A 42 14.99 -1.03 -13.11
N SER A 43 13.72 -1.39 -13.21
CA SER A 43 12.76 -0.61 -13.99
C SER A 43 11.57 -0.20 -13.13
N GLY A 44 10.91 0.89 -13.52
CA GLY A 44 9.77 1.37 -12.78
C GLY A 44 9.45 2.82 -13.08
ZN ZN B . -1.12 -2.46 -4.75
N GLY A 1 -5.94 -4.51 18.93
CA GLY A 1 -4.81 -3.77 19.48
C GLY A 1 -5.21 -2.39 19.98
N SER A 2 -5.23 -1.42 19.07
CA SER A 2 -5.58 -0.06 19.43
C SER A 2 -7.08 0.06 19.70
N SER A 3 -7.43 0.96 20.62
CA SER A 3 -8.83 1.17 20.98
C SER A 3 -9.20 2.64 20.91
N GLY A 4 -9.74 3.06 19.77
CA GLY A 4 -10.13 4.45 19.58
C GLY A 4 -11.37 4.59 18.74
N SER A 5 -11.35 4.03 17.53
CA SER A 5 -12.48 4.11 16.62
C SER A 5 -12.61 2.84 15.80
N SER A 6 -13.73 2.69 15.11
CA SER A 6 -13.98 1.52 14.29
C SER A 6 -13.15 1.56 13.01
N GLY A 7 -12.29 0.55 12.83
CA GLY A 7 -11.45 0.50 11.64
C GLY A 7 -12.03 -0.37 10.56
N GLU A 8 -12.41 0.24 9.44
CA GLU A 8 -12.98 -0.49 8.32
C GLU A 8 -12.17 -0.28 7.05
N LYS A 9 -11.02 -0.95 6.96
CA LYS A 9 -10.16 -0.84 5.79
C LYS A 9 -9.90 0.63 5.46
N PRO A 10 -9.43 1.39 6.46
CA PRO A 10 -9.12 2.82 6.28
C PRO A 10 -7.91 3.06 5.39
N TYR A 11 -7.03 2.05 5.32
CA TYR A 11 -5.83 2.15 4.50
C TYR A 11 -6.02 1.45 3.16
N GLY A 12 -5.38 1.99 2.13
CA GLY A 12 -5.50 1.40 0.80
C GLY A 12 -4.28 1.68 -0.06
N CYS A 13 -4.02 0.81 -1.02
CA CYS A 13 -2.88 0.95 -1.91
C CYS A 13 -3.20 1.94 -3.03
N ASN A 14 -2.31 2.90 -3.24
CA ASN A 14 -2.50 3.91 -4.28
C ASN A 14 -1.69 3.56 -5.52
N GLU A 15 -1.51 2.26 -5.77
CA GLU A 15 -0.75 1.80 -6.92
C GLU A 15 -1.59 0.87 -7.79
N CYS A 16 -2.42 0.06 -7.14
CA CYS A 16 -3.28 -0.89 -7.86
C CYS A 16 -4.73 -0.74 -7.40
N GLY A 17 -4.93 -0.57 -6.10
CA GLY A 17 -6.27 -0.42 -5.57
C GLY A 17 -6.56 -1.38 -4.44
N LYS A 18 -5.49 -1.97 -3.88
CA LYS A 18 -5.64 -2.92 -2.78
C LYS A 18 -6.18 -2.23 -1.53
N ASP A 19 -6.67 -3.02 -0.59
CA ASP A 19 -7.22 -2.48 0.65
C ASP A 19 -6.69 -3.26 1.86
N PHE A 20 -6.38 -2.52 2.92
CA PHE A 20 -5.85 -3.13 4.13
C PHE A 20 -6.44 -2.47 5.39
N SER A 21 -6.49 -3.22 6.48
CA SER A 21 -7.03 -2.69 7.73
C SER A 21 -5.97 -1.91 8.49
N SER A 22 -4.73 -2.39 8.46
CA SER A 22 -3.62 -1.74 9.15
C SER A 22 -2.66 -1.11 8.15
N LYS A 23 -1.80 -0.22 8.64
CA LYS A 23 -0.83 0.46 7.80
C LYS A 23 0.30 -0.49 7.41
N SER A 24 0.79 -1.26 8.37
CA SER A 24 1.87 -2.21 8.13
C SER A 24 1.58 -3.05 6.89
N TYR A 25 0.46 -3.77 6.93
CA TYR A 25 0.07 -4.63 5.82
C TYR A 25 0.16 -3.87 4.49
N LEU A 26 -0.08 -2.57 4.55
CA LEU A 26 -0.03 -1.73 3.35
C LEU A 26 1.41 -1.41 2.97
N ILE A 27 2.12 -0.78 3.90
CA ILE A 27 3.52 -0.41 3.67
C ILE A 27 4.31 -1.59 3.11
N VAL A 28 3.96 -2.80 3.55
CA VAL A 28 4.64 -4.02 3.11
C VAL A 28 4.23 -4.35 1.68
N HIS A 29 2.96 -4.20 1.37
CA HIS A 29 2.44 -4.50 0.04
C HIS A 29 3.01 -3.52 -0.99
N GLN A 30 2.82 -2.23 -0.73
CA GLN A 30 3.31 -1.19 -1.63
C GLN A 30 4.68 -1.56 -2.18
N ARG A 31 5.41 -2.39 -1.45
CA ARG A 31 6.74 -2.81 -1.87
C ARG A 31 6.68 -3.53 -3.22
N ILE A 32 5.72 -4.43 -3.35
CA ILE A 32 5.57 -5.19 -4.59
C ILE A 32 5.42 -4.25 -5.79
N HIS A 33 5.20 -2.98 -5.52
CA HIS A 33 5.04 -1.98 -6.57
C HIS A 33 6.28 -1.09 -6.66
N THR A 34 7.41 -1.61 -6.19
CA THR A 34 8.66 -0.86 -6.23
C THR A 34 9.84 -1.78 -6.56
N GLY A 35 10.97 -1.17 -6.93
CA GLY A 35 12.15 -1.94 -7.27
C GLY A 35 12.35 -2.05 -8.76
N GLU A 36 12.76 -0.96 -9.39
CA GLU A 36 12.99 -0.93 -10.83
C GLU A 36 13.92 -2.07 -11.25
N LYS A 37 13.35 -3.10 -11.86
CA LYS A 37 14.12 -4.26 -12.30
C LYS A 37 14.28 -4.25 -13.83
N LEU A 38 15.45 -4.66 -14.29
CA LEU A 38 15.73 -4.70 -15.73
C LEU A 38 14.67 -5.51 -16.46
N SER A 39 13.63 -4.83 -16.93
CA SER A 39 12.55 -5.49 -17.66
C SER A 39 11.82 -4.51 -18.57
N GLY A 40 10.86 -5.02 -19.34
CA GLY A 40 10.10 -4.17 -20.23
C GLY A 40 9.41 -3.03 -19.51
N PRO A 41 8.46 -2.38 -20.21
CA PRO A 41 7.71 -1.25 -19.64
C PRO A 41 6.74 -1.70 -18.54
N SER A 42 7.07 -1.34 -17.30
CA SER A 42 6.23 -1.71 -16.16
C SER A 42 4.85 -1.05 -16.27
N SER A 43 3.86 -1.65 -15.60
CA SER A 43 2.51 -1.13 -15.62
C SER A 43 2.38 0.10 -14.72
N GLY A 44 3.19 0.16 -13.68
CA GLY A 44 3.15 1.28 -12.76
C GLY A 44 3.88 0.99 -11.46
ZN ZN B . -1.26 -2.42 -4.73
N GLY A 1 0.44 8.27 22.34
CA GLY A 1 0.19 6.88 21.99
C GLY A 1 -1.29 6.60 21.77
N SER A 2 -1.63 6.19 20.56
CA SER A 2 -3.02 5.89 20.22
C SER A 2 -3.19 4.41 19.89
N SER A 3 -4.26 3.81 20.41
CA SER A 3 -4.53 2.39 20.17
C SER A 3 -5.61 2.23 19.11
N GLY A 4 -5.18 2.02 17.86
CA GLY A 4 -6.13 1.85 16.77
C GLY A 4 -7.38 1.11 17.20
N SER A 5 -8.50 1.80 17.16
CA SER A 5 -9.78 1.21 17.55
C SER A 5 -10.54 0.69 16.34
N SER A 6 -10.81 1.60 15.39
CA SER A 6 -11.54 1.23 14.18
C SER A 6 -10.58 0.72 13.10
N GLY A 7 -11.08 -0.15 12.25
CA GLY A 7 -10.25 -0.70 11.18
C GLY A 7 -11.07 -1.10 9.97
N GLU A 8 -11.89 -0.17 9.48
CA GLU A 8 -12.72 -0.43 8.31
C GLU A 8 -12.01 0.00 7.03
N LYS A 9 -10.98 -0.76 6.65
CA LYS A 9 -10.21 -0.47 5.45
C LYS A 9 -9.80 0.99 5.41
N PRO A 10 -9.13 1.45 6.48
CA PRO A 10 -8.65 2.83 6.59
C PRO A 10 -7.52 3.14 5.63
N TYR A 11 -6.75 2.11 5.28
CA TYR A 11 -5.63 2.27 4.36
C TYR A 11 -5.89 1.53 3.05
N GLY A 12 -5.43 2.11 1.95
CA GLY A 12 -5.61 1.49 0.65
C GLY A 12 -4.50 1.83 -0.32
N CYS A 13 -4.32 0.99 -1.33
CA CYS A 13 -3.28 1.20 -2.33
C CYS A 13 -3.85 1.89 -3.57
N ASN A 14 -2.98 2.53 -4.34
CA ASN A 14 -3.38 3.22 -5.55
C ASN A 14 -2.80 2.55 -6.79
N GLU A 15 -1.57 2.08 -6.68
CA GLU A 15 -0.90 1.41 -7.79
C GLU A 15 -1.81 0.36 -8.42
N CYS A 16 -2.41 -0.48 -7.59
CA CYS A 16 -3.30 -1.52 -8.07
C CYS A 16 -4.74 -1.26 -7.62
N GLY A 17 -4.91 -0.90 -6.35
CA GLY A 17 -6.23 -0.62 -5.82
C GLY A 17 -6.66 -1.62 -4.77
N LYS A 18 -5.72 -2.04 -3.93
CA LYS A 18 -6.01 -3.00 -2.88
C LYS A 18 -6.38 -2.30 -1.58
N ASP A 19 -6.99 -3.03 -0.66
CA ASP A 19 -7.40 -2.48 0.62
C ASP A 19 -6.81 -3.29 1.78
N PHE A 20 -6.37 -2.59 2.82
CA PHE A 20 -5.79 -3.24 3.99
C PHE A 20 -6.39 -2.68 5.28
N SER A 21 -6.30 -3.48 6.34
CA SER A 21 -6.84 -3.07 7.64
C SER A 21 -5.78 -2.35 8.47
N SER A 22 -4.58 -2.92 8.49
CA SER A 22 -3.48 -2.34 9.25
C SER A 22 -2.60 -1.48 8.35
N LYS A 23 -1.96 -0.47 8.94
CA LYS A 23 -1.08 0.42 8.19
C LYS A 23 0.16 -0.33 7.72
N SER A 24 0.72 -1.15 8.59
CA SER A 24 1.93 -1.91 8.25
C SER A 24 1.70 -2.78 7.03
N TYR A 25 0.69 -3.65 7.11
CA TYR A 25 0.37 -4.54 6.00
C TYR A 25 0.50 -3.83 4.66
N LEU A 26 -0.09 -2.64 4.58
CA LEU A 26 -0.03 -1.85 3.35
C LEU A 26 1.41 -1.54 2.97
N ILE A 27 2.14 -0.91 3.88
CA ILE A 27 3.54 -0.57 3.64
C ILE A 27 4.30 -1.75 3.05
N VAL A 28 4.01 -2.94 3.55
CA VAL A 28 4.66 -4.16 3.08
C VAL A 28 4.24 -4.50 1.65
N HIS A 29 2.96 -4.27 1.35
CA HIS A 29 2.43 -4.55 0.02
C HIS A 29 2.96 -3.53 -1.00
N GLN A 30 2.83 -2.26 -0.69
CA GLN A 30 3.29 -1.19 -1.57
C GLN A 30 4.66 -1.54 -2.15
N ARG A 31 5.38 -2.42 -1.47
CA ARG A 31 6.71 -2.82 -1.92
C ARG A 31 6.63 -3.53 -3.28
N ILE A 32 5.64 -4.39 -3.43
CA ILE A 32 5.45 -5.13 -4.68
C ILE A 32 5.39 -4.18 -5.87
N HIS A 33 5.20 -2.90 -5.58
CA HIS A 33 5.11 -1.89 -6.63
C HIS A 33 6.38 -1.03 -6.66
N THR A 34 7.47 -1.58 -6.16
CA THR A 34 8.74 -0.87 -6.13
C THR A 34 9.92 -1.83 -6.28
N GLY A 35 10.91 -1.42 -7.07
CA GLY A 35 12.08 -2.26 -7.28
C GLY A 35 12.31 -2.55 -8.75
N GLU A 36 11.23 -2.78 -9.48
CA GLU A 36 11.33 -3.08 -10.91
C GLU A 36 11.86 -1.88 -11.68
N LYS A 37 11.34 -0.70 -11.37
CA LYS A 37 11.76 0.52 -12.03
C LYS A 37 13.28 0.69 -11.95
N LEU A 38 13.95 0.40 -13.06
CA LEU A 38 15.41 0.51 -13.13
C LEU A 38 15.82 1.84 -13.74
N SER A 39 15.69 2.92 -12.97
CA SER A 39 16.04 4.25 -13.44
C SER A 39 17.22 4.81 -12.64
N GLY A 40 18.32 5.09 -13.32
CA GLY A 40 19.49 5.63 -12.66
C GLY A 40 20.35 4.55 -12.02
N PRO A 41 20.90 3.65 -12.86
CA PRO A 41 21.75 2.56 -12.40
C PRO A 41 23.10 3.05 -11.88
N SER A 42 23.64 2.34 -10.89
CA SER A 42 24.91 2.70 -10.30
C SER A 42 25.50 1.53 -9.50
N SER A 43 26.56 0.94 -10.03
CA SER A 43 27.21 -0.19 -9.37
C SER A 43 28.45 0.26 -8.61
N GLY A 44 29.04 -0.66 -7.86
CA GLY A 44 30.23 -0.33 -7.09
C GLY A 44 30.90 -1.56 -6.50
ZN ZN B . -1.17 -2.16 -4.79
N GLY A 1 -25.14 10.72 2.78
CA GLY A 1 -24.68 9.60 3.59
C GLY A 1 -23.32 9.88 4.22
N SER A 2 -23.29 10.06 5.53
CA SER A 2 -22.05 10.32 6.25
C SER A 2 -21.20 9.05 6.34
N SER A 3 -20.15 9.00 5.53
CA SER A 3 -19.26 7.84 5.53
C SER A 3 -18.07 8.08 6.45
N GLY A 4 -17.63 7.01 7.11
CA GLY A 4 -16.49 7.11 8.02
C GLY A 4 -15.55 5.94 7.90
N SER A 5 -14.38 6.18 7.31
CA SER A 5 -13.38 5.13 7.12
C SER A 5 -12.15 5.41 7.98
N SER A 6 -12.17 4.90 9.21
CA SER A 6 -11.05 5.09 10.12
C SER A 6 -10.59 3.76 10.70
N GLY A 7 -11.55 2.90 11.04
CA GLY A 7 -11.22 1.60 11.59
C GLY A 7 -11.46 0.47 10.62
N GLU A 8 -12.36 0.69 9.68
CA GLU A 8 -12.69 -0.32 8.67
C GLU A 8 -11.91 -0.06 7.38
N LYS A 9 -10.81 -0.80 7.19
CA LYS A 9 -10.00 -0.66 5.99
C LYS A 9 -9.70 0.81 5.71
N PRO A 10 -9.14 1.51 6.71
CA PRO A 10 -8.80 2.93 6.59
C PRO A 10 -7.62 3.16 5.64
N TYR A 11 -6.89 2.10 5.35
CA TYR A 11 -5.73 2.19 4.45
C TYR A 11 -6.02 1.48 3.13
N GLY A 12 -5.41 1.98 2.06
CA GLY A 12 -5.61 1.39 0.75
C GLY A 12 -4.48 1.71 -0.20
N CYS A 13 -4.24 0.81 -1.16
CA CYS A 13 -3.18 1.00 -2.14
C CYS A 13 -3.72 1.68 -3.40
N ASN A 14 -3.18 2.86 -3.71
CA ASN A 14 -3.61 3.61 -4.88
C ASN A 14 -2.94 3.06 -6.15
N GLU A 15 -1.71 2.57 -6.01
CA GLU A 15 -0.99 2.01 -7.14
C GLU A 15 -1.87 1.08 -7.96
N CYS A 16 -2.41 0.07 -7.30
CA CYS A 16 -3.27 -0.91 -7.97
C CYS A 16 -4.73 -0.73 -7.53
N GLY A 17 -4.93 -0.58 -6.22
CA GLY A 17 -6.26 -0.40 -5.69
C GLY A 17 -6.59 -1.40 -4.59
N LYS A 18 -5.56 -1.89 -3.93
CA LYS A 18 -5.73 -2.86 -2.85
C LYS A 18 -6.30 -2.19 -1.60
N ASP A 19 -6.79 -2.99 -0.67
CA ASP A 19 -7.35 -2.48 0.58
C ASP A 19 -6.82 -3.26 1.78
N PHE A 20 -6.41 -2.53 2.81
CA PHE A 20 -5.88 -3.16 4.02
C PHE A 20 -6.48 -2.52 5.27
N SER A 21 -6.35 -3.21 6.39
CA SER A 21 -6.90 -2.71 7.66
C SER A 21 -5.80 -2.05 8.49
N SER A 22 -4.60 -2.63 8.46
CA SER A 22 -3.48 -2.09 9.22
C SER A 22 -2.57 -1.26 8.31
N LYS A 23 -1.83 -0.34 8.93
CA LYS A 23 -0.92 0.51 8.18
C LYS A 23 0.30 -0.26 7.68
N SER A 24 0.81 -1.14 8.54
CA SER A 24 1.97 -1.96 8.19
C SER A 24 1.69 -2.81 6.96
N TYR A 25 0.66 -3.65 7.05
CA TYR A 25 0.29 -4.52 5.95
C TYR A 25 0.43 -3.80 4.61
N LEU A 26 -0.15 -2.62 4.52
CA LEU A 26 -0.08 -1.82 3.29
C LEU A 26 1.36 -1.54 2.91
N ILE A 27 2.09 -0.90 3.83
CA ILE A 27 3.49 -0.56 3.58
C ILE A 27 4.25 -1.76 3.01
N VAL A 28 3.96 -2.94 3.52
CA VAL A 28 4.62 -4.15 3.06
C VAL A 28 4.21 -4.49 1.62
N HIS A 29 2.93 -4.30 1.32
CA HIS A 29 2.41 -4.57 -0.02
C HIS A 29 2.98 -3.57 -1.02
N GLN A 30 2.84 -2.29 -0.71
CA GLN A 30 3.32 -1.23 -1.59
C GLN A 30 4.70 -1.57 -2.15
N ARG A 31 5.41 -2.45 -1.45
CA ARG A 31 6.75 -2.86 -1.86
C ARG A 31 6.70 -3.55 -3.22
N ILE A 32 5.70 -4.40 -3.41
CA ILE A 32 5.54 -5.13 -4.67
C ILE A 32 5.42 -4.16 -5.85
N HIS A 33 5.25 -2.89 -5.54
CA HIS A 33 5.11 -1.87 -6.57
C HIS A 33 6.35 -0.97 -6.61
N THR A 34 6.77 -0.50 -5.44
CA THR A 34 7.93 0.37 -5.35
C THR A 34 9.22 -0.39 -5.69
N GLY A 35 10.19 0.32 -6.27
CA GLY A 35 11.44 -0.30 -6.64
C GLY A 35 11.48 -0.70 -8.10
N GLU A 36 11.15 0.26 -8.98
CA GLU A 36 11.16 0.00 -10.41
C GLU A 36 11.72 1.20 -11.17
N LYS A 37 12.42 0.93 -12.27
CA LYS A 37 13.01 1.98 -13.09
C LYS A 37 12.11 2.30 -14.28
N LEU A 38 12.35 3.45 -14.89
CA LEU A 38 11.57 3.88 -16.04
C LEU A 38 11.91 3.04 -17.27
N SER A 39 10.88 2.60 -17.98
CA SER A 39 11.06 1.78 -19.17
C SER A 39 10.35 2.39 -20.37
N GLY A 40 11.12 2.74 -21.40
CA GLY A 40 10.55 3.33 -22.59
C GLY A 40 11.21 4.65 -22.97
N PRO A 41 11.05 5.65 -22.09
CA PRO A 41 11.63 6.98 -22.31
C PRO A 41 13.15 6.98 -22.19
N SER A 42 13.73 5.80 -21.99
CA SER A 42 15.17 5.66 -21.86
C SER A 42 15.83 5.50 -23.22
N SER A 43 16.57 6.51 -23.64
CA SER A 43 17.25 6.48 -24.93
C SER A 43 16.24 6.54 -26.08
N GLY A 44 15.30 7.46 -25.98
CA GLY A 44 14.29 7.60 -27.02
C GLY A 44 12.88 7.38 -26.50
ZN ZN B . -1.13 -2.28 -4.69
N GLY A 1 -8.31 15.52 7.76
CA GLY A 1 -9.03 14.26 7.75
C GLY A 1 -8.14 13.07 8.08
N SER A 2 -7.79 12.93 9.35
CA SER A 2 -6.93 11.84 9.80
C SER A 2 -7.65 10.98 10.85
N SER A 3 -7.36 9.69 10.84
CA SER A 3 -7.96 8.76 11.80
C SER A 3 -6.94 7.76 12.30
N GLY A 4 -7.27 7.07 13.39
CA GLY A 4 -6.38 6.08 13.96
C GLY A 4 -7.06 4.76 14.23
N SER A 5 -8.16 4.81 14.99
CA SER A 5 -8.90 3.60 15.33
C SER A 5 -8.91 2.62 14.17
N SER A 6 -8.97 1.33 14.49
CA SER A 6 -8.98 0.29 13.46
C SER A 6 -9.79 0.73 12.25
N GLY A 7 -11.06 1.04 12.47
CA GLY A 7 -11.92 1.47 11.39
C GLY A 7 -12.22 0.35 10.40
N GLU A 8 -12.67 0.73 9.21
CA GLU A 8 -12.99 -0.25 8.18
C GLU A 8 -12.16 0.00 6.91
N LYS A 9 -11.05 -0.72 6.78
CA LYS A 9 -10.18 -0.58 5.63
C LYS A 9 -9.82 0.89 5.40
N PRO A 10 -9.28 1.54 6.43
CA PRO A 10 -8.88 2.94 6.38
C PRO A 10 -7.65 3.16 5.48
N TYR A 11 -6.86 2.11 5.33
CA TYR A 11 -5.66 2.19 4.50
C TYR A 11 -5.85 1.43 3.19
N GLY A 12 -5.48 2.07 2.09
CA GLY A 12 -5.62 1.45 0.78
C GLY A 12 -4.48 1.82 -0.16
N CYS A 13 -4.27 0.98 -1.16
CA CYS A 13 -3.20 1.22 -2.14
C CYS A 13 -3.75 1.96 -3.37
N ASN A 14 -2.90 2.79 -3.97
CA ASN A 14 -3.30 3.55 -5.15
C ASN A 14 -2.73 2.92 -6.42
N GLU A 15 -1.53 2.35 -6.31
CA GLU A 15 -0.88 1.72 -7.45
C GLU A 15 -1.82 0.74 -8.14
N CYS A 16 -2.40 -0.17 -7.35
CA CYS A 16 -3.33 -1.16 -7.90
C CYS A 16 -4.75 -0.93 -7.38
N GLY A 17 -4.86 -0.66 -6.09
CA GLY A 17 -6.16 -0.41 -5.50
C GLY A 17 -6.49 -1.39 -4.38
N LYS A 18 -5.46 -1.99 -3.80
CA LYS A 18 -5.64 -2.95 -2.72
C LYS A 18 -6.17 -2.27 -1.46
N ASP A 19 -6.65 -3.07 -0.51
CA ASP A 19 -7.18 -2.53 0.74
C ASP A 19 -6.63 -3.31 1.93
N PHE A 20 -6.18 -2.57 2.95
CA PHE A 20 -5.63 -3.20 4.15
C PHE A 20 -6.17 -2.52 5.41
N SER A 21 -6.47 -3.33 6.41
CA SER A 21 -7.01 -2.82 7.67
C SER A 21 -5.96 -2.02 8.43
N SER A 22 -4.76 -2.59 8.53
CA SER A 22 -3.66 -1.94 9.23
C SER A 22 -2.68 -1.31 8.25
N LYS A 23 -2.03 -0.23 8.67
CA LYS A 23 -1.07 0.47 7.83
C LYS A 23 0.09 -0.46 7.45
N SER A 24 0.68 -1.09 8.45
CA SER A 24 1.80 -2.00 8.22
C SER A 24 1.58 -2.82 6.96
N TYR A 25 0.55 -3.65 6.98
CA TYR A 25 0.23 -4.50 5.84
C TYR A 25 0.42 -3.75 4.53
N LEU A 26 -0.22 -2.58 4.42
CA LEU A 26 -0.12 -1.77 3.22
C LEU A 26 1.34 -1.44 2.90
N ILE A 27 2.05 -0.93 3.90
CA ILE A 27 3.45 -0.58 3.73
C ILE A 27 4.25 -1.75 3.15
N VAL A 28 3.89 -2.96 3.55
CA VAL A 28 4.56 -4.15 3.07
C VAL A 28 4.17 -4.47 1.63
N HIS A 29 2.89 -4.28 1.32
CA HIS A 29 2.39 -4.53 -0.03
C HIS A 29 2.97 -3.54 -1.03
N GLN A 30 2.89 -2.26 -0.69
CA GLN A 30 3.41 -1.21 -1.56
C GLN A 30 4.77 -1.59 -2.12
N ARG A 31 5.44 -2.51 -1.45
CA ARG A 31 6.77 -2.97 -1.88
C ARG A 31 6.69 -3.63 -3.25
N ILE A 32 5.64 -4.43 -3.45
CA ILE A 32 5.46 -5.13 -4.72
C ILE A 32 5.35 -4.14 -5.88
N HIS A 33 5.24 -2.86 -5.54
CA HIS A 33 5.13 -1.81 -6.57
C HIS A 33 6.40 -0.97 -6.62
N THR A 34 6.91 -0.58 -5.45
CA THR A 34 8.12 0.22 -5.37
C THR A 34 9.35 -0.59 -5.74
N GLY A 35 9.70 -0.59 -7.02
CA GLY A 35 10.86 -1.33 -7.49
C GLY A 35 11.04 -1.24 -8.99
N GLU A 36 11.44 -0.06 -9.47
CA GLU A 36 11.64 0.15 -10.89
C GLU A 36 12.89 1.00 -11.14
N LYS A 37 13.42 0.92 -12.36
CA LYS A 37 14.61 1.68 -12.72
C LYS A 37 14.32 3.17 -12.75
N LEU A 38 15.12 3.94 -12.02
CA LEU A 38 14.94 5.39 -11.97
C LEU A 38 16.10 6.10 -12.65
N SER A 39 15.78 7.13 -13.44
CA SER A 39 16.78 7.89 -14.16
C SER A 39 17.86 6.98 -14.73
N GLY A 40 17.41 5.90 -15.37
CA GLY A 40 18.34 4.95 -15.96
C GLY A 40 18.66 5.27 -17.40
N PRO A 41 19.64 4.56 -17.97
CA PRO A 41 20.06 4.76 -19.36
C PRO A 41 19.01 4.29 -20.36
N SER A 42 19.35 4.34 -21.64
CA SER A 42 18.43 3.92 -22.70
C SER A 42 18.44 2.39 -22.85
N SER A 43 19.60 1.85 -23.20
CA SER A 43 19.75 0.41 -23.39
C SER A 43 19.10 -0.35 -22.23
N GLY A 44 18.06 -1.11 -22.55
CA GLY A 44 17.37 -1.88 -21.53
C GLY A 44 16.33 -1.06 -20.80
ZN ZN B . -1.18 -2.07 -4.78
N GLY A 1 -15.63 10.86 -1.63
CA GLY A 1 -16.46 11.69 -0.78
C GLY A 1 -16.55 11.19 0.64
N SER A 2 -17.46 10.25 0.87
CA SER A 2 -17.65 9.68 2.20
C SER A 2 -16.43 8.85 2.62
N SER A 3 -15.76 9.29 3.69
CA SER A 3 -14.58 8.59 4.18
C SER A 3 -14.63 8.47 5.70
N GLY A 4 -14.45 7.24 6.20
CA GLY A 4 -14.47 7.01 7.62
C GLY A 4 -13.18 6.39 8.13
N SER A 5 -12.42 7.18 8.90
CA SER A 5 -11.15 6.70 9.44
C SER A 5 -11.33 6.22 10.88
N SER A 6 -12.44 5.56 11.14
CA SER A 6 -12.73 5.05 12.48
C SER A 6 -11.97 3.75 12.75
N GLY A 7 -12.12 2.79 11.85
CA GLY A 7 -11.45 1.52 12.00
C GLY A 7 -11.94 0.47 11.01
N GLU A 8 -12.24 0.91 9.79
CA GLU A 8 -12.72 0.01 8.76
C GLU A 8 -11.92 0.15 7.47
N LYS A 9 -10.81 -0.59 7.39
CA LYS A 9 -9.95 -0.54 6.21
C LYS A 9 -9.73 0.90 5.75
N PRO A 10 -9.26 1.75 6.69
CA PRO A 10 -8.99 3.16 6.41
C PRO A 10 -7.78 3.35 5.50
N TYR A 11 -6.99 2.29 5.34
CA TYR A 11 -5.80 2.35 4.50
C TYR A 11 -6.05 1.61 3.19
N GLY A 12 -5.30 2.01 2.15
CA GLY A 12 -5.45 1.38 0.85
C GLY A 12 -4.28 1.69 -0.07
N CYS A 13 -4.14 0.88 -1.12
CA CYS A 13 -3.05 1.06 -2.08
C CYS A 13 -3.50 1.94 -3.24
N ASN A 14 -2.73 3.00 -3.51
CA ASN A 14 -3.03 3.91 -4.60
C ASN A 14 -2.25 3.55 -5.86
N GLU A 15 -1.97 2.26 -6.02
CA GLU A 15 -1.22 1.80 -7.19
C GLU A 15 -2.04 0.78 -7.98
N CYS A 16 -2.66 -0.15 -7.27
CA CYS A 16 -3.48 -1.18 -7.91
C CYS A 16 -4.94 -1.06 -7.50
N GLY A 17 -5.16 -0.82 -6.20
CA GLY A 17 -6.51 -0.69 -5.70
C GLY A 17 -6.80 -1.64 -4.56
N LYS A 18 -5.75 -2.12 -3.90
CA LYS A 18 -5.89 -3.04 -2.79
C LYS A 18 -6.31 -2.30 -1.52
N ASP A 19 -6.84 -3.04 -0.55
CA ASP A 19 -7.28 -2.46 0.71
C ASP A 19 -6.78 -3.28 1.89
N PHE A 20 -6.34 -2.60 2.94
CA PHE A 20 -5.83 -3.26 4.13
C PHE A 20 -6.42 -2.64 5.40
N SER A 21 -6.53 -3.45 6.44
CA SER A 21 -7.08 -2.97 7.72
C SER A 21 -6.02 -2.22 8.52
N SER A 22 -4.79 -2.70 8.45
CA SER A 22 -3.69 -2.07 9.17
C SER A 22 -2.77 -1.32 8.22
N LYS A 23 -2.00 -0.39 8.77
CA LYS A 23 -1.07 0.41 7.97
C LYS A 23 0.13 -0.42 7.53
N SER A 24 0.66 -1.22 8.45
CA SER A 24 1.81 -2.06 8.16
C SER A 24 1.58 -2.88 6.90
N TYR A 25 0.56 -3.75 6.93
CA TYR A 25 0.24 -4.59 5.80
C TYR A 25 0.42 -3.82 4.48
N LEU A 26 -0.11 -2.61 4.43
CA LEU A 26 -0.01 -1.78 3.25
C LEU A 26 1.44 -1.47 2.91
N ILE A 27 2.13 -0.82 3.84
CA ILE A 27 3.54 -0.48 3.65
C ILE A 27 4.31 -1.64 3.05
N VAL A 28 4.00 -2.85 3.52
CA VAL A 28 4.67 -4.05 3.03
C VAL A 28 4.24 -4.39 1.60
N HIS A 29 2.95 -4.22 1.33
CA HIS A 29 2.42 -4.49 -0.01
C HIS A 29 2.98 -3.52 -1.03
N GLN A 30 2.84 -2.22 -0.76
CA GLN A 30 3.33 -1.20 -1.66
C GLN A 30 4.72 -1.56 -2.19
N ARG A 31 5.42 -2.40 -1.45
CA ARG A 31 6.76 -2.82 -1.85
C ARG A 31 6.73 -3.56 -3.19
N ILE A 32 5.75 -4.43 -3.36
CA ILE A 32 5.61 -5.18 -4.59
C ILE A 32 5.42 -4.26 -5.79
N HIS A 33 5.23 -2.97 -5.51
CA HIS A 33 5.04 -1.99 -6.56
C HIS A 33 6.28 -1.09 -6.69
N THR A 34 6.73 -0.56 -5.56
CA THR A 34 7.90 0.31 -5.54
C THR A 34 9.15 -0.42 -6.02
N GLY A 35 9.65 -0.02 -7.18
CA GLY A 35 10.84 -0.65 -7.73
C GLY A 35 12.12 -0.01 -7.24
N GLU A 36 12.63 -0.49 -6.11
CA GLU A 36 13.85 0.04 -5.53
C GLU A 36 14.79 -1.07 -5.10
N LYS A 37 15.52 -1.63 -6.05
CA LYS A 37 16.46 -2.71 -5.77
C LYS A 37 15.75 -3.89 -5.11
N LEU A 38 14.56 -4.21 -5.59
CA LEU A 38 13.78 -5.30 -5.05
C LEU A 38 13.66 -6.45 -6.06
N SER A 39 14.11 -7.63 -5.66
CA SER A 39 14.06 -8.80 -6.53
C SER A 39 12.66 -9.43 -6.50
N GLY A 40 12.29 -10.06 -7.61
CA GLY A 40 10.99 -10.70 -7.71
C GLY A 40 10.90 -11.68 -8.86
N PRO A 41 9.68 -12.10 -9.20
CA PRO A 41 9.44 -13.05 -10.29
C PRO A 41 9.72 -12.44 -11.66
N SER A 42 10.98 -12.51 -12.08
CA SER A 42 11.38 -11.97 -13.37
C SER A 42 10.94 -10.51 -13.50
N SER A 43 11.10 -9.75 -12.44
CA SER A 43 10.72 -8.34 -12.44
C SER A 43 11.69 -7.51 -13.28
N GLY A 44 11.17 -6.90 -14.33
CA GLY A 44 12.00 -6.09 -15.20
C GLY A 44 11.36 -4.75 -15.52
ZN ZN B . -1.24 -2.35 -4.77
N GLY A 1 -27.01 12.68 11.48
CA GLY A 1 -26.36 12.02 12.59
C GLY A 1 -25.46 10.88 12.14
N SER A 2 -24.49 11.20 11.28
CA SER A 2 -23.57 10.19 10.77
C SER A 2 -22.14 10.48 11.23
N SER A 3 -21.58 9.54 11.98
CA SER A 3 -20.22 9.69 12.50
C SER A 3 -19.67 8.36 12.99
N GLY A 4 -18.37 8.33 13.28
CA GLY A 4 -17.76 7.10 13.76
C GLY A 4 -16.27 7.06 13.45
N SER A 5 -15.47 6.70 14.45
CA SER A 5 -14.02 6.62 14.29
C SER A 5 -13.52 5.21 14.57
N SER A 6 -13.68 4.32 13.60
CA SER A 6 -13.25 2.94 13.76
C SER A 6 -12.21 2.57 12.70
N GLY A 7 -11.55 1.43 12.90
CA GLY A 7 -10.54 0.99 11.95
C GLY A 7 -11.12 0.14 10.83
N GLU A 8 -12.02 0.74 10.04
CA GLU A 8 -12.65 0.03 8.94
C GLU A 8 -11.79 0.11 7.68
N LYS A 9 -10.70 -0.65 7.67
CA LYS A 9 -9.80 -0.67 6.53
C LYS A 9 -9.59 0.74 5.98
N PRO A 10 -9.16 1.66 6.85
CA PRO A 10 -8.91 3.06 6.49
C PRO A 10 -7.68 3.20 5.58
N TYR A 11 -6.86 2.17 5.53
CA TYR A 11 -5.65 2.18 4.71
C TYR A 11 -5.89 1.47 3.39
N GLY A 12 -5.33 2.03 2.31
CA GLY A 12 -5.49 1.43 1.00
C GLY A 12 -4.34 1.75 0.07
N CYS A 13 -4.28 1.05 -1.05
CA CYS A 13 -3.22 1.27 -2.04
C CYS A 13 -3.78 1.82 -3.34
N ASN A 14 -3.21 2.94 -3.80
CA ASN A 14 -3.65 3.57 -5.03
C ASN A 14 -2.93 2.97 -6.24
N GLU A 15 -1.68 2.57 -6.04
CA GLU A 15 -0.89 1.98 -7.11
C GLU A 15 -1.69 0.92 -7.86
N CYS A 16 -2.26 -0.02 -7.11
CA CYS A 16 -3.06 -1.10 -7.71
C CYS A 16 -4.54 -0.93 -7.37
N GLY A 17 -4.81 -0.67 -6.09
CA GLY A 17 -6.19 -0.50 -5.66
C GLY A 17 -6.61 -1.54 -4.64
N LYS A 18 -5.70 -1.90 -3.75
CA LYS A 18 -5.98 -2.89 -2.72
C LYS A 18 -6.34 -2.22 -1.40
N ASP A 19 -6.94 -2.98 -0.50
CA ASP A 19 -7.33 -2.46 0.81
C ASP A 19 -6.73 -3.31 1.93
N PHE A 20 -6.26 -2.63 2.98
CA PHE A 20 -5.66 -3.32 4.12
C PHE A 20 -6.22 -2.78 5.44
N SER A 21 -6.42 -3.67 6.40
CA SER A 21 -6.95 -3.29 7.70
C SER A 21 -5.82 -2.90 8.66
N SER A 22 -4.76 -2.31 8.11
CA SER A 22 -3.62 -1.90 8.90
C SER A 22 -2.61 -1.13 8.05
N LYS A 23 -1.89 -0.21 8.68
CA LYS A 23 -0.89 0.59 7.98
C LYS A 23 0.27 -0.27 7.52
N SER A 24 0.74 -1.17 8.38
CA SER A 24 1.85 -2.05 8.05
C SER A 24 1.52 -2.89 6.82
N TYR A 25 0.46 -3.70 6.92
CA TYR A 25 0.05 -4.55 5.82
C TYR A 25 0.19 -3.83 4.48
N LEU A 26 -0.33 -2.61 4.42
CA LEU A 26 -0.25 -1.81 3.21
C LEU A 26 1.20 -1.51 2.84
N ILE A 27 1.89 -0.81 3.72
CA ILE A 27 3.29 -0.45 3.49
C ILE A 27 4.08 -1.65 2.96
N VAL A 28 3.79 -2.82 3.50
CA VAL A 28 4.48 -4.04 3.08
C VAL A 28 4.13 -4.39 1.65
N HIS A 29 2.86 -4.22 1.29
CA HIS A 29 2.40 -4.52 -0.07
C HIS A 29 2.97 -3.53 -1.07
N GLN A 30 2.76 -2.25 -0.82
CA GLN A 30 3.26 -1.20 -1.71
C GLN A 30 4.65 -1.55 -2.23
N ARG A 31 5.38 -2.35 -1.45
CA ARG A 31 6.73 -2.76 -1.84
C ARG A 31 6.72 -3.47 -3.18
N ILE A 32 5.79 -4.40 -3.35
CA ILE A 32 5.68 -5.16 -4.59
C ILE A 32 5.76 -4.24 -5.80
N HIS A 33 5.45 -2.97 -5.59
CA HIS A 33 5.50 -1.98 -6.67
C HIS A 33 6.91 -1.40 -6.82
N THR A 34 7.33 -0.63 -5.83
CA THR A 34 8.65 -0.02 -5.85
C THR A 34 9.74 -1.07 -6.12
N GLY A 35 10.98 -0.60 -6.28
CA GLY A 35 12.07 -1.51 -6.53
C GLY A 35 12.23 -1.82 -8.01
N GLU A 36 11.97 -0.83 -8.86
CA GLU A 36 12.08 -1.01 -10.30
C GLU A 36 13.51 -0.73 -10.78
N LYS A 37 14.10 -1.71 -11.43
CA LYS A 37 15.47 -1.57 -11.95
C LYS A 37 15.73 -0.14 -12.39
N LEU A 38 16.72 0.49 -11.78
CA LEU A 38 17.08 1.87 -12.12
C LEU A 38 18.49 1.94 -12.70
N SER A 39 18.88 3.13 -13.16
CA SER A 39 20.20 3.32 -13.74
C SER A 39 20.87 4.56 -13.16
N GLY A 40 22.00 4.36 -12.48
CA GLY A 40 22.72 5.47 -11.89
C GLY A 40 24.22 5.33 -12.03
N PRO A 41 24.92 6.46 -12.18
CA PRO A 41 26.38 6.48 -12.32
C PRO A 41 27.09 6.11 -11.04
N SER A 42 27.54 4.86 -10.95
CA SER A 42 28.24 4.38 -9.76
C SER A 42 29.68 4.89 -9.73
N SER A 43 30.44 4.60 -10.79
CA SER A 43 31.82 5.03 -10.87
C SER A 43 31.91 6.45 -11.44
N GLY A 44 32.92 7.19 -10.98
CA GLY A 44 33.10 8.56 -11.45
C GLY A 44 32.90 8.68 -12.95
ZN ZN B . -0.77 -1.79 -4.59
N GLY A 1 -22.63 16.18 17.07
CA GLY A 1 -21.82 14.98 17.08
C GLY A 1 -22.56 13.77 16.57
N SER A 2 -22.88 13.77 15.28
CA SER A 2 -23.60 12.67 14.67
C SER A 2 -22.66 11.77 13.86
N SER A 3 -22.04 12.36 12.85
CA SER A 3 -21.11 11.61 11.99
C SER A 3 -20.03 10.94 12.83
N GLY A 4 -19.42 9.90 12.27
CA GLY A 4 -18.37 9.19 12.97
C GLY A 4 -18.12 7.81 12.40
N SER A 5 -16.85 7.48 12.17
CA SER A 5 -16.49 6.18 11.61
C SER A 5 -15.55 5.44 12.55
N SER A 6 -16.02 4.32 13.09
CA SER A 6 -15.22 3.52 14.01
C SER A 6 -13.81 3.31 13.47
N GLY A 7 -13.72 2.87 12.21
CA GLY A 7 -12.43 2.64 11.60
C GLY A 7 -12.32 1.26 10.99
N GLU A 8 -12.43 1.20 9.67
CA GLU A 8 -12.34 -0.07 8.96
C GLU A 8 -11.65 0.10 7.62
N LYS A 9 -10.50 -0.54 7.45
CA LYS A 9 -9.74 -0.46 6.21
C LYS A 9 -9.50 0.99 5.81
N PRO A 10 -8.93 1.78 6.74
CA PRO A 10 -8.63 3.20 6.51
C PRO A 10 -7.51 3.39 5.51
N TYR A 11 -6.70 2.36 5.31
CA TYR A 11 -5.58 2.42 4.38
C TYR A 11 -5.88 1.62 3.11
N GLY A 12 -5.24 2.00 2.02
CA GLY A 12 -5.45 1.30 0.75
C GLY A 12 -4.33 1.55 -0.24
N CYS A 13 -4.24 0.70 -1.25
CA CYS A 13 -3.21 0.82 -2.27
C CYS A 13 -3.78 1.37 -3.57
N ASN A 14 -3.39 2.59 -3.93
CA ASN A 14 -3.88 3.23 -5.14
C ASN A 14 -3.15 2.67 -6.36
N GLU A 15 -1.89 2.31 -6.19
CA GLU A 15 -1.09 1.76 -7.29
C GLU A 15 -1.89 0.71 -8.07
N CYS A 16 -2.58 -0.16 -7.34
CA CYS A 16 -3.38 -1.20 -7.96
C CYS A 16 -4.86 -1.05 -7.59
N GLY A 17 -5.13 -0.78 -6.32
CA GLY A 17 -6.49 -0.61 -5.86
C GLY A 17 -6.87 -1.63 -4.80
N LYS A 18 -5.95 -1.91 -3.89
CA LYS A 18 -6.20 -2.86 -2.82
C LYS A 18 -6.57 -2.14 -1.52
N ASP A 19 -7.03 -2.90 -0.54
CA ASP A 19 -7.43 -2.33 0.75
C ASP A 19 -6.97 -3.22 1.89
N PHE A 20 -6.29 -2.63 2.87
CA PHE A 20 -5.80 -3.37 4.02
C PHE A 20 -6.36 -2.79 5.32
N SER A 21 -6.46 -3.64 6.35
CA SER A 21 -6.98 -3.22 7.64
C SER A 21 -5.91 -2.46 8.43
N SER A 22 -4.71 -3.00 8.46
CA SER A 22 -3.61 -2.38 9.19
C SER A 22 -2.74 -1.55 8.25
N LYS A 23 -1.99 -0.60 8.82
CA LYS A 23 -1.13 0.27 8.04
C LYS A 23 0.13 -0.48 7.60
N SER A 24 0.68 -1.29 8.51
CA SER A 24 1.89 -2.05 8.22
C SER A 24 1.66 -3.00 7.04
N TYR A 25 0.49 -3.63 7.02
CA TYR A 25 0.15 -4.57 5.95
C TYR A 25 0.19 -3.88 4.59
N LEU A 26 -0.06 -2.58 4.59
CA LEU A 26 -0.06 -1.80 3.35
C LEU A 26 1.36 -1.43 2.95
N ILE A 27 2.09 -0.79 3.85
CA ILE A 27 3.47 -0.39 3.58
C ILE A 27 4.28 -1.56 3.04
N VAL A 28 3.99 -2.75 3.53
CA VAL A 28 4.70 -3.95 3.11
C VAL A 28 4.30 -4.34 1.68
N HIS A 29 3.02 -4.21 1.38
CA HIS A 29 2.52 -4.54 0.04
C HIS A 29 3.04 -3.56 -1.00
N GLN A 30 2.81 -2.26 -0.75
CA GLN A 30 3.26 -1.23 -1.67
C GLN A 30 4.63 -1.55 -2.24
N ARG A 31 5.40 -2.35 -1.50
CA ARG A 31 6.74 -2.74 -1.93
C ARG A 31 6.69 -3.47 -3.27
N ILE A 32 5.76 -4.41 -3.38
CA ILE A 32 5.61 -5.18 -4.62
C ILE A 32 5.47 -4.27 -5.83
N HIS A 33 5.22 -2.98 -5.57
CA HIS A 33 5.06 -2.00 -6.64
C HIS A 33 6.27 -1.09 -6.71
N THR A 34 6.82 -0.74 -5.55
CA THR A 34 7.98 0.14 -5.48
C THR A 34 9.07 -0.33 -6.45
N GLY A 35 10.14 0.47 -6.55
CA GLY A 35 11.22 0.13 -7.44
C GLY A 35 12.59 0.44 -6.84
N GLU A 36 12.70 1.60 -6.21
CA GLU A 36 13.95 2.02 -5.58
C GLU A 36 15.10 1.96 -6.59
N LYS A 37 14.81 2.35 -7.82
CA LYS A 37 15.82 2.34 -8.88
C LYS A 37 16.78 1.17 -8.72
N LEU A 38 16.26 0.05 -8.22
CA LEU A 38 17.06 -1.15 -8.01
C LEU A 38 16.77 -2.19 -9.09
N SER A 39 17.74 -2.39 -9.98
CA SER A 39 17.59 -3.36 -11.06
C SER A 39 16.18 -3.34 -11.62
N GLY A 40 15.65 -2.13 -11.86
CA GLY A 40 14.32 -1.98 -12.40
C GLY A 40 14.18 -0.78 -13.31
N PRO A 41 13.58 0.30 -12.77
CA PRO A 41 13.37 1.54 -13.53
C PRO A 41 14.68 2.28 -13.79
N SER A 42 15.12 2.27 -15.04
CA SER A 42 16.35 2.94 -15.43
C SER A 42 16.14 4.45 -15.56
N SER A 43 15.22 4.84 -16.44
CA SER A 43 14.92 6.25 -16.67
C SER A 43 14.58 6.94 -15.36
N GLY A 44 13.70 6.33 -14.58
CA GLY A 44 13.30 6.90 -13.31
C GLY A 44 11.84 7.33 -13.30
ZN ZN B . -1.14 -2.52 -4.68
N GLY A 1 -23.07 11.29 13.84
CA GLY A 1 -22.16 12.17 13.12
C GLY A 1 -21.08 11.41 12.38
N SER A 2 -19.89 11.37 12.95
CA SER A 2 -18.76 10.68 12.34
C SER A 2 -18.15 9.67 13.30
N SER A 3 -18.99 8.95 14.03
CA SER A 3 -18.53 7.97 15.00
C SER A 3 -18.11 6.68 14.29
N GLY A 4 -17.21 5.93 14.94
CA GLY A 4 -16.74 4.69 14.36
C GLY A 4 -15.38 4.29 14.89
N SER A 5 -15.32 3.88 16.14
CA SER A 5 -14.07 3.47 16.77
C SER A 5 -13.30 2.52 15.86
N SER A 6 -13.96 1.45 15.45
CA SER A 6 -13.34 0.45 14.58
C SER A 6 -12.91 1.07 13.25
N GLY A 7 -11.94 0.44 12.59
CA GLY A 7 -11.46 0.95 11.32
C GLY A 7 -12.13 0.29 10.13
N GLU A 8 -12.65 1.10 9.22
CA GLU A 8 -13.32 0.59 8.03
C GLU A 8 -12.43 0.72 6.81
N LYS A 9 -11.44 -0.16 6.69
CA LYS A 9 -10.53 -0.14 5.56
C LYS A 9 -9.99 1.27 5.32
N PRO A 10 -9.42 1.88 6.38
CA PRO A 10 -8.86 3.23 6.31
C PRO A 10 -7.58 3.28 5.46
N TYR A 11 -6.91 2.14 5.36
CA TYR A 11 -5.67 2.06 4.58
C TYR A 11 -5.92 1.39 3.23
N GLY A 12 -5.33 1.95 2.18
CA GLY A 12 -5.50 1.41 0.86
C GLY A 12 -4.32 1.72 -0.06
N CYS A 13 -4.14 0.91 -1.09
CA CYS A 13 -3.05 1.10 -2.04
C CYS A 13 -3.50 1.99 -3.20
N ASN A 14 -2.78 3.07 -3.43
CA ASN A 14 -3.10 3.99 -4.51
C ASN A 14 -2.27 3.68 -5.75
N GLU A 15 -1.90 2.42 -5.91
CA GLU A 15 -1.11 1.99 -7.06
C GLU A 15 -1.89 1.00 -7.92
N CYS A 16 -2.62 0.10 -7.28
CA CYS A 16 -3.40 -0.90 -7.99
C CYS A 16 -4.87 -0.84 -7.54
N GLY A 17 -5.08 -0.66 -6.25
CA GLY A 17 -6.44 -0.59 -5.73
C GLY A 17 -6.65 -1.54 -4.56
N LYS A 18 -5.55 -2.03 -3.99
CA LYS A 18 -5.63 -2.95 -2.86
C LYS A 18 -6.18 -2.24 -1.62
N ASP A 19 -6.68 -3.04 -0.68
CA ASP A 19 -7.23 -2.49 0.56
C ASP A 19 -6.74 -3.26 1.77
N PHE A 20 -6.49 -2.55 2.87
CA PHE A 20 -6.00 -3.18 4.10
C PHE A 20 -6.63 -2.53 5.32
N SER A 21 -6.64 -3.26 6.43
CA SER A 21 -7.21 -2.76 7.67
C SER A 21 -6.14 -2.11 8.54
N SER A 22 -4.90 -2.48 8.31
CA SER A 22 -3.78 -1.93 9.07
C SER A 22 -2.89 -1.05 8.19
N LYS A 23 -1.91 -0.41 8.81
CA LYS A 23 -1.00 0.47 8.09
C LYS A 23 0.24 -0.30 7.63
N SER A 24 0.71 -1.21 8.48
CA SER A 24 1.90 -2.00 8.16
C SER A 24 1.64 -2.90 6.94
N TYR A 25 0.54 -3.65 6.99
CA TYR A 25 0.19 -4.54 5.90
C TYR A 25 0.27 -3.83 4.56
N LEU A 26 -0.09 -2.55 4.55
CA LEU A 26 -0.05 -1.75 3.34
C LEU A 26 1.39 -1.44 2.93
N ILE A 27 2.12 -0.80 3.83
CA ILE A 27 3.51 -0.45 3.56
C ILE A 27 4.28 -1.63 2.99
N VAL A 28 3.96 -2.83 3.49
CA VAL A 28 4.62 -4.04 3.03
C VAL A 28 4.21 -4.40 1.60
N HIS A 29 2.93 -4.22 1.31
CA HIS A 29 2.41 -4.51 -0.03
C HIS A 29 2.96 -3.53 -1.06
N GLN A 30 2.85 -2.24 -0.76
CA GLN A 30 3.35 -1.20 -1.66
C GLN A 30 4.75 -1.55 -2.17
N ARG A 31 5.43 -2.44 -1.47
CA ARG A 31 6.77 -2.85 -1.85
C ARG A 31 6.75 -3.58 -3.19
N ILE A 32 5.73 -4.42 -3.38
CA ILE A 32 5.59 -5.18 -4.62
C ILE A 32 5.41 -4.26 -5.81
N HIS A 33 5.25 -2.97 -5.53
CA HIS A 33 5.06 -1.98 -6.59
C HIS A 33 6.30 -1.10 -6.75
N THR A 34 6.90 -0.74 -5.62
CA THR A 34 8.10 0.10 -5.63
C THR A 34 9.08 -0.37 -6.71
N GLY A 35 9.70 0.60 -7.39
CA GLY A 35 10.66 0.26 -8.43
C GLY A 35 12.09 0.39 -7.96
N GLU A 36 12.48 -0.47 -7.01
CA GLU A 36 13.84 -0.45 -6.48
C GLU A 36 14.48 -1.83 -6.58
N LYS A 37 13.91 -2.80 -5.88
CA LYS A 37 14.43 -4.16 -5.89
C LYS A 37 14.96 -4.52 -7.27
N LEU A 38 14.23 -4.15 -8.31
CA LEU A 38 14.63 -4.44 -9.68
C LEU A 38 16.14 -4.27 -9.85
N SER A 39 16.76 -5.24 -10.53
CA SER A 39 18.20 -5.20 -10.75
C SER A 39 18.57 -4.05 -11.69
N GLY A 40 18.99 -2.93 -11.09
CA GLY A 40 19.36 -1.78 -11.88
C GLY A 40 20.79 -1.32 -11.61
N PRO A 41 21.34 -0.51 -12.53
CA PRO A 41 22.71 -0.01 -12.40
C PRO A 41 22.85 1.00 -11.27
N SER A 42 23.09 0.51 -10.06
CA SER A 42 23.23 1.37 -8.90
C SER A 42 24.37 2.36 -9.10
N SER A 43 25.50 1.87 -9.60
CA SER A 43 26.67 2.71 -9.83
C SER A 43 26.91 3.65 -8.65
N GLY A 44 26.76 3.13 -7.44
CA GLY A 44 26.96 3.93 -6.25
C GLY A 44 26.14 3.45 -5.08
ZN ZN B . -1.22 -2.24 -4.76
#